data_9PGO
#
_entry.id   9PGO
#
_cell.length_a   1.00
_cell.length_b   1.00
_cell.length_c   1.00
_cell.angle_alpha   90.00
_cell.angle_beta   90.00
_cell.angle_gamma   90.00
#
_symmetry.space_group_name_H-M   'P 1'
#
_entity_poly.entity_id   1
_entity_poly.type   'polypeptide(L)'
_entity_poly.pdbx_seq_one_letter_code
;MAEPRQEFEVMEDHAGTYGLGDRKDQGGYTMHQDQEGDTDAGLKESPLQTPTEDGSEEPGSETSDAKSTPTAEDVTAPLV
DEGAPGKQAAAQPHTEIPEGTTAEEAGIGDTPSLEDEAAGHVTQEPESGKVVQEGFLREPGPPGLSHQLMSGMPGAPLLP
EGPREATRQPSGTGPEDTEGGRHAPELLKHQLLGDLHQEGPPLKGAGGKERPGSKEEVDEDRDVDESSPQDSPPSKASPA
QDGRPPQTAAREATSIPGFPAEGAIPLPVDFLSKVSTEIPASEPDGPSVGRAKGQDAPLEFTFHVEITPNVQKEQAHSEE
HLGRAAFPGAPGEGPEARGPSLGEDTKEADLPEPSEKQPAAAPRGKPVSRVPQLKARMVSKSKDGTGSDDKKAKTSTRSS
AKTLKNRPCLSPKHPTPGSSDPLIQPSSPAVCPEPPSSPKYVSSVTSRTGSSGAKEMKLKGADGKTKIATPRGAAPPGQK
GQANATRIPAKTPPAPKTPPSSGEPPKSGDRSGYSSPGSPGTPGSRSRTPSLPTPPTREPKKVAVVRTPPKSPSSAKSRL
QTAPVPMPDLKNVKSKIGSTENLKHQPGGGKVQIINKKLDLSNVQSKCGSKDNIKHVPGGGSVQIVYKPVDLSKVTSKCG
SLGNIHHKPGGGQVEVKSEKLDFKDRVQSKIGSLDNITHVPGGGNKKIETHKLTFRENAKAKTDHGAEIVYKSPVVSGDT
SPRHLSNVSSTGSIDMVDSPQLATLADEVSASLAKQGL
;
_entity_poly.pdbx_strand_id   A,B,C,D,E,F,G,H,I,J,K,L
#
# COMPACT_ATOMS: atom_id res chain seq x y z
N SER A 622 66.10 -20.19 -22.21
CA SER A 622 65.52 -21.21 -21.34
C SER A 622 64.91 -20.58 -20.10
N VAL A 623 63.60 -20.38 -20.14
CA VAL A 623 62.86 -19.77 -19.04
C VAL A 623 61.87 -20.81 -18.51
N GLN A 624 61.94 -21.07 -17.21
CA GLN A 624 61.12 -22.10 -16.57
C GLN A 624 60.38 -21.50 -15.39
N ILE A 625 59.08 -21.76 -15.29
CA ILE A 625 58.23 -21.27 -14.21
C ILE A 625 57.53 -22.45 -13.56
N VAL A 626 57.56 -22.51 -12.23
CA VAL A 626 56.82 -23.48 -11.44
C VAL A 626 55.87 -22.72 -10.53
N TYR A 627 54.61 -23.13 -10.51
CA TYR A 627 53.55 -22.39 -9.83
C TYR A 627 52.69 -23.41 -9.08
N LYS A 628 52.95 -23.56 -7.78
CA LYS A 628 52.40 -24.64 -6.97
C LYS A 628 51.76 -24.12 -5.69
N PRO A 629 50.67 -23.35 -5.79
CA PRO A 629 49.97 -22.96 -4.57
C PRO A 629 49.39 -24.17 -3.87
N VAL A 630 49.44 -24.16 -2.54
CA VAL A 630 48.81 -25.19 -1.71
C VAL A 630 47.98 -24.48 -0.65
N ASP A 631 46.72 -24.90 -0.51
CA ASP A 631 45.80 -24.23 0.39
C ASP A 631 44.97 -25.30 1.09
N LEU A 632 45.11 -25.39 2.41
CA LEU A 632 44.29 -26.25 3.25
C LEU A 632 43.54 -25.44 4.29
N SER A 633 43.17 -24.20 3.94
CA SER A 633 42.58 -23.29 4.89
C SER A 633 41.15 -23.68 5.24
N LYS A 634 40.70 -23.21 6.40
CA LYS A 634 39.35 -23.44 6.89
C LYS A 634 38.73 -22.11 7.27
N VAL A 635 37.50 -21.89 6.81
CA VAL A 635 36.69 -20.74 7.23
C VAL A 635 35.37 -21.32 7.71
N THR A 636 35.24 -21.50 9.03
CA THR A 636 34.09 -22.19 9.60
C THR A 636 33.39 -21.28 10.60
N SER A 637 32.22 -21.72 11.05
CA SER A 637 31.45 -20.98 12.03
C SER A 637 30.50 -21.93 12.75
N LYS A 638 30.20 -21.61 14.00
CA LYS A 638 29.23 -22.35 14.79
C LYS A 638 28.41 -21.37 15.60
N CYS A 639 27.09 -21.51 15.57
CA CYS A 639 26.20 -20.65 16.33
C CYS A 639 25.10 -21.51 16.95
N GLY A 640 24.89 -21.35 18.24
CA GLY A 640 23.89 -22.16 18.92
C GLY A 640 22.47 -21.87 18.47
N SER A 641 22.12 -20.58 18.37
CA SER A 641 20.76 -20.20 18.03
C SER A 641 20.74 -18.75 17.57
N LEU A 642 20.26 -18.52 16.35
CA LEU A 642 19.99 -17.18 15.84
C LEU A 642 18.54 -16.82 16.17
N GLY A 643 18.37 -15.85 17.06
CA GLY A 643 17.11 -15.59 17.72
C GLY A 643 16.30 -14.49 17.07
N ASN A 644 15.45 -13.86 17.87
CA ASN A 644 14.47 -12.91 17.35
C ASN A 644 15.14 -11.62 16.89
N ILE A 645 14.86 -11.23 15.66
CA ILE A 645 15.43 -10.04 15.04
C ILE A 645 14.28 -9.23 14.44
N HIS A 646 14.21 -7.96 14.81
CA HIS A 646 13.14 -7.07 14.37
C HIS A 646 13.71 -5.90 13.59
N HIS A 647 13.17 -5.66 12.40
CA HIS A 647 13.57 -4.55 11.54
C HIS A 647 12.31 -3.78 11.18
N LYS A 648 12.18 -2.55 11.68
CA LYS A 648 10.96 -1.75 11.53
C LYS A 648 11.30 -0.35 11.05
N PRO A 649 11.55 -0.19 9.74
CA PRO A 649 11.79 1.16 9.21
C PRO A 649 10.53 2.00 9.23
N GLY A 650 10.71 3.32 9.24
CA GLY A 650 9.61 4.24 9.39
C GLY A 650 9.38 5.25 8.27
N GLY A 651 9.55 4.83 7.02
CA GLY A 651 9.25 5.69 5.89
C GLY A 651 10.38 6.65 5.55
N GLY A 652 10.03 7.69 4.81
CA GLY A 652 10.99 8.70 4.41
C GLY A 652 10.64 9.31 3.07
N GLN A 653 11.37 10.38 2.74
CA GLN A 653 11.20 11.13 1.49
C GLN A 653 12.53 11.15 0.75
N VAL A 654 12.48 10.88 -0.56
CA VAL A 654 13.65 11.00 -1.43
C VAL A 654 13.23 11.73 -2.69
N GLU A 655 14.02 12.73 -3.07
CA GLU A 655 13.73 13.53 -4.29
C GLU A 655 15.04 13.83 -5.02
N VAL A 656 15.14 13.44 -6.29
CA VAL A 656 16.33 13.67 -7.11
C VAL A 656 15.89 14.32 -8.41
N LYS A 657 16.58 15.40 -8.78
CA LYS A 657 16.37 16.06 -10.07
C LYS A 657 17.67 16.05 -10.86
N SER A 658 17.53 15.84 -12.16
CA SER A 658 18.68 15.86 -13.07
C SER A 658 18.17 16.18 -14.47
N GLU A 659 19.09 16.38 -15.39
CA GLU A 659 18.73 16.73 -16.75
C GLU A 659 19.35 15.81 -17.79
N LYS A 660 20.62 15.46 -17.64
CA LYS A 660 21.32 14.66 -18.64
C LYS A 660 22.17 13.61 -17.92
N LEU A 661 22.02 12.35 -18.34
CA LEU A 661 22.82 11.25 -17.82
C LEU A 661 23.52 10.57 -18.98
N ASP A 662 24.82 10.35 -18.85
CA ASP A 662 25.62 9.71 -19.89
C ASP A 662 26.59 8.76 -19.21
N PHE A 663 26.27 7.47 -19.24
CA PHE A 663 27.06 6.43 -18.61
C PHE A 663 27.74 5.60 -19.70
N LYS A 664 29.03 5.32 -19.52
CA LYS A 664 29.80 4.58 -20.50
C LYS A 664 30.73 3.60 -19.82
N ASP A 665 31.17 2.60 -20.58
CA ASP A 665 32.10 1.55 -20.12
C ASP A 665 31.43 0.82 -18.97
N ARG A 666 32.16 0.49 -17.91
CA ARG A 666 31.64 -0.36 -16.83
C ARG A 666 31.19 0.53 -15.68
N VAL A 667 29.91 0.91 -15.70
CA VAL A 667 29.34 1.83 -14.72
C VAL A 667 28.26 1.11 -13.94
N GLN A 668 28.35 1.17 -12.61
CA GLN A 668 27.30 0.71 -11.71
C GLN A 668 26.73 1.92 -10.99
N SER A 669 25.44 2.17 -11.18
CA SER A 669 24.83 3.39 -10.67
C SER A 669 23.50 3.09 -9.99
N LYS A 670 23.11 3.96 -9.08
CA LYS A 670 21.89 3.80 -8.30
C LYS A 670 21.42 5.18 -7.86
N ILE A 671 20.26 5.61 -8.36
CA ILE A 671 19.78 6.97 -8.16
C ILE A 671 18.38 6.91 -7.58
N GLY A 672 18.18 7.59 -6.45
CA GLY A 672 16.86 7.73 -5.88
C GLY A 672 16.25 6.44 -5.34
N SER A 673 16.81 5.91 -4.26
CA SER A 673 16.33 4.65 -3.70
C SER A 673 15.94 4.82 -2.25
N LEU A 674 14.96 4.02 -1.82
CA LEU A 674 14.51 3.91 -0.43
C LEU A 674 14.40 2.41 -0.16
N ASP A 675 15.50 1.79 0.25
CA ASP A 675 15.62 0.34 0.30
C ASP A 675 15.81 -0.14 1.72
N ASN A 676 15.22 -1.30 2.03
CA ASN A 676 15.30 -1.90 3.35
C ASN A 676 15.76 -3.35 3.18
N ILE A 677 16.81 -3.74 3.90
CA ILE A 677 17.38 -5.08 3.76
C ILE A 677 17.50 -5.70 5.14
N THR A 678 17.00 -6.92 5.29
CA THR A 678 17.23 -7.75 6.47
C THR A 678 17.91 -9.03 6.00
N HIS A 679 19.20 -9.16 6.31
CA HIS A 679 20.02 -10.27 5.86
C HIS A 679 20.54 -11.01 7.07
N VAL A 680 20.01 -12.22 7.29
CA VAL A 680 20.37 -13.01 8.47
C VAL A 680 20.82 -14.40 8.01
N PRO A 681 22.04 -14.56 7.50
CA PRO A 681 22.50 -15.89 7.11
C PRO A 681 23.13 -16.63 8.30
N GLY A 682 22.61 -17.81 8.60
CA GLY A 682 23.34 -18.70 9.47
C GLY A 682 24.56 -19.24 8.74
N GLY A 683 25.73 -18.80 9.17
CA GLY A 683 26.90 -18.93 8.31
C GLY A 683 27.29 -17.60 7.71
N GLY A 684 27.22 -17.48 6.38
CA GLY A 684 27.64 -16.26 5.74
C GLY A 684 29.13 -16.09 5.60
N ASN A 685 29.89 -17.17 5.68
CA ASN A 685 31.34 -17.10 5.52
C ASN A 685 31.70 -16.93 4.06
N LYS A 686 32.74 -16.15 3.79
CA LYS A 686 33.17 -15.88 2.43
C LYS A 686 34.67 -16.12 2.29
N LYS A 687 35.07 -16.73 1.19
CA LYS A 687 36.45 -16.89 0.81
C LYS A 687 36.64 -16.43 -0.63
N ILE A 688 37.55 -15.49 -0.84
CA ILE A 688 37.83 -14.95 -2.17
C ILE A 688 39.32 -15.15 -2.45
N GLU A 689 39.62 -15.79 -3.56
CA GLU A 689 41.01 -16.06 -3.94
C GLU A 689 41.19 -15.75 -5.42
N THR A 690 42.32 -15.13 -5.74
CA THR A 690 42.62 -14.73 -7.11
C THR A 690 44.05 -15.11 -7.44
N HIS A 691 44.25 -15.76 -8.59
CA HIS A 691 45.56 -16.14 -9.08
C HIS A 691 45.77 -15.53 -10.45
N LYS A 692 46.93 -14.92 -10.66
CA LYS A 692 47.28 -14.34 -11.95
C LYS A 692 48.73 -14.62 -12.27
N LEU A 693 49.01 -14.97 -13.53
CA LEU A 693 50.37 -15.18 -14.01
C LEU A 693 50.43 -14.56 -15.40
N THR A 694 51.03 -13.38 -15.49
CA THR A 694 51.12 -12.64 -16.75
C THR A 694 52.53 -12.75 -17.30
N PHE A 695 52.63 -13.13 -18.57
CA PHE A 695 53.93 -13.29 -19.23
C PHE A 695 54.12 -12.23 -20.30
N SER B 622 62.98 -21.88 -25.77
CA SER B 622 62.44 -22.92 -24.91
C SER B 622 61.83 -22.31 -23.65
N VAL B 623 60.52 -22.12 -23.67
CA VAL B 623 59.79 -21.53 -22.55
C VAL B 623 58.82 -22.59 -22.03
N GLN B 624 58.90 -22.87 -20.73
CA GLN B 624 58.09 -23.91 -20.10
C GLN B 624 57.37 -23.34 -18.89
N ILE B 625 56.08 -23.62 -18.79
CA ILE B 625 55.24 -23.15 -17.69
C ILE B 625 54.55 -24.34 -17.05
N VAL B 626 54.60 -24.41 -15.72
CA VAL B 626 53.88 -25.41 -14.93
C VAL B 626 52.93 -24.67 -14.01
N TYR B 627 51.68 -25.09 -13.98
CA TYR B 627 50.62 -24.37 -13.27
C TYR B 627 49.78 -25.41 -12.53
N LYS B 628 50.04 -25.57 -11.24
CA LYS B 628 49.52 -26.68 -10.43
C LYS B 628 48.89 -26.16 -9.14
N PRO B 629 47.79 -25.41 -9.22
CA PRO B 629 47.10 -25.04 -7.98
C PRO B 629 46.54 -26.27 -7.29
N VAL B 630 46.60 -26.28 -5.96
CA VAL B 630 46.01 -27.32 -5.14
C VAL B 630 45.18 -26.64 -4.06
N ASP B 631 43.93 -27.07 -3.91
CA ASP B 631 43.00 -26.42 -2.99
C ASP B 631 42.20 -27.51 -2.29
N LEU B 632 42.35 -27.61 -0.98
CA LEU B 632 41.55 -28.49 -0.14
C LEU B 632 40.80 -27.70 0.92
N SER B 633 40.42 -26.48 0.59
CA SER B 633 39.83 -25.57 1.57
C SER B 633 38.40 -25.99 1.92
N LYS B 634 37.97 -25.53 3.09
CA LYS B 634 36.63 -25.79 3.60
C LYS B 634 35.98 -24.47 4.00
N VAL B 635 34.75 -24.24 3.56
CA VAL B 635 33.93 -23.12 3.99
C VAL B 635 32.63 -23.73 4.49
N THR B 636 32.50 -23.91 5.80
CA THR B 636 31.38 -24.63 6.38
C THR B 636 30.68 -23.73 7.39
N SER B 637 29.52 -24.20 7.86
CA SER B 637 28.76 -23.48 8.86
C SER B 637 27.83 -24.46 9.57
N LYS B 638 27.53 -24.15 10.82
CA LYS B 638 26.57 -24.91 11.62
C LYS B 638 25.76 -23.95 12.46
N CYS B 639 24.44 -24.11 12.42
CA CYS B 639 23.55 -23.27 13.22
C CYS B 639 22.48 -24.14 13.83
N GLY B 640 22.26 -23.99 15.14
CA GLY B 640 21.29 -24.83 15.82
C GLY B 640 19.86 -24.54 15.38
N SER B 641 19.50 -23.26 15.30
CA SER B 641 18.12 -22.89 14.97
C SER B 641 18.08 -21.44 14.54
N LEU B 642 17.59 -21.20 13.33
CA LEU B 642 17.29 -19.85 12.84
C LEU B 642 15.86 -19.51 13.19
N GLY B 643 15.67 -18.56 14.09
CA GLY B 643 14.42 -18.32 14.77
C GLY B 643 13.59 -17.23 14.14
N ASN B 644 12.75 -16.60 14.97
CA ASN B 644 11.76 -15.66 14.47
C ASN B 644 12.40 -14.36 14.02
N ILE B 645 12.10 -13.96 12.79
CA ILE B 645 12.65 -12.76 12.17
C ILE B 645 11.49 -11.95 11.61
N HIS B 646 11.41 -10.68 11.98
CA HIS B 646 10.32 -9.81 11.57
C HIS B 646 10.87 -8.62 10.80
N HIS B 647 10.32 -8.37 9.61
CA HIS B 647 10.68 -7.24 8.77
C HIS B 647 9.42 -6.49 8.43
N LYS B 648 9.27 -5.26 8.95
CA LYS B 648 8.05 -4.48 8.83
C LYS B 648 8.36 -3.06 8.35
N PRO B 649 8.60 -2.88 7.05
CA PRO B 649 8.82 -1.53 6.52
C PRO B 649 7.54 -0.70 6.57
N GLY B 650 7.73 0.63 6.59
CA GLY B 650 6.60 1.53 6.78
C GLY B 650 6.36 2.54 5.67
N GLY B 651 6.52 2.14 4.41
CA GLY B 651 6.20 3.02 3.30
C GLY B 651 7.31 3.99 2.96
N GLY B 652 6.94 5.04 2.23
CA GLY B 652 7.89 6.07 1.84
C GLY B 652 7.51 6.69 0.51
N GLN B 653 8.22 7.76 0.18
CA GLN B 653 8.03 8.53 -1.05
C GLN B 653 9.34 8.57 -1.82
N VAL B 654 9.29 8.33 -3.12
CA VAL B 654 10.45 8.46 -4.00
C VAL B 654 10.00 9.21 -5.24
N GLU B 655 10.78 10.23 -5.64
CA GLU B 655 10.46 11.04 -6.84
C GLU B 655 11.75 11.38 -7.59
N VAL B 656 11.86 10.99 -8.84
CA VAL B 656 13.03 11.23 -9.68
C VAL B 656 12.57 11.90 -10.96
N LYS B 657 13.24 12.99 -11.33
CA LYS B 657 13.01 13.66 -12.61
C LYS B 657 14.30 13.68 -13.42
N SER B 658 14.16 13.47 -14.73
CA SER B 658 15.29 13.52 -15.64
C SER B 658 14.76 13.85 -17.03
N GLU B 659 15.67 14.07 -17.95
CA GLU B 659 15.29 14.44 -19.31
C GLU B 659 15.91 13.54 -20.37
N LYS B 660 17.19 13.20 -20.24
CA LYS B 660 17.89 12.42 -21.24
C LYS B 660 18.75 11.37 -20.57
N LEU B 661 18.61 10.13 -20.99
CA LEU B 661 19.43 9.02 -20.50
C LEU B 661 20.12 8.36 -21.68
N ASP B 662 21.43 8.15 -21.55
CA ASP B 662 22.22 7.54 -22.62
C ASP B 662 23.20 6.58 -21.96
N PHE B 663 22.90 5.29 -22.00
CA PHE B 663 23.72 4.26 -21.40
C PHE B 663 24.39 3.44 -22.49
N LYS B 664 25.67 3.18 -22.33
CA LYS B 664 26.45 2.46 -23.34
C LYS B 664 27.40 1.49 -22.67
N ASP B 665 27.84 0.50 -23.46
CA ASP B 665 28.78 -0.54 -23.03
C ASP B 665 28.14 -1.30 -21.87
N ARG B 666 28.88 -1.64 -20.81
CA ARG B 666 28.38 -2.51 -19.74
C ARG B 666 27.94 -1.63 -18.58
N VAL B 667 26.66 -1.27 -18.58
CA VAL B 667 26.09 -0.36 -17.59
C VAL B 667 25.02 -1.11 -16.80
N GLN B 668 25.12 -1.05 -15.47
CA GLN B 668 24.10 -1.54 -14.57
C GLN B 668 23.52 -0.35 -13.82
N SER B 669 22.22 -0.11 -13.99
CA SER B 669 21.60 1.11 -13.47
C SER B 669 20.29 0.77 -12.77
N LYS B 670 19.90 1.63 -11.85
CA LYS B 670 18.69 1.45 -11.05
C LYS B 670 18.21 2.81 -10.59
N ILE B 671 17.05 3.23 -11.08
CA ILE B 671 16.54 4.58 -10.86
C ILE B 671 15.15 4.51 -10.26
N GLY B 672 14.96 5.17 -9.12
CA GLY B 672 13.65 5.28 -8.53
C GLY B 672 13.06 3.99 -8.01
N SER B 673 13.62 3.45 -6.93
CA SER B 673 13.18 2.18 -6.38
C SER B 673 12.79 2.32 -4.93
N LEU B 674 11.83 1.50 -4.50
CA LEU B 674 11.40 1.37 -3.11
C LEU B 674 11.31 -0.13 -2.85
N ASP B 675 12.42 -0.74 -2.46
CA ASP B 675 12.56 -2.19 -2.44
C ASP B 675 12.77 -2.69 -1.02
N ASN B 676 12.19 -3.86 -0.72
CA ASN B 676 12.30 -4.48 0.60
C ASN B 676 12.77 -5.91 0.41
N ILE B 677 13.83 -6.31 1.10
CA ILE B 677 14.42 -7.63 0.94
C ILE B 677 14.56 -8.27 2.32
N THR B 678 14.07 -9.51 2.45
CA THR B 678 14.33 -10.34 3.62
C THR B 678 15.02 -11.61 3.13
N HIS B 679 16.31 -11.72 3.42
CA HIS B 679 17.14 -12.82 2.95
C HIS B 679 17.67 -13.58 4.14
N VAL B 680 17.18 -14.79 4.35
CA VAL B 680 17.56 -15.58 5.51
C VAL B 680 18.00 -16.96 5.04
N PRO B 681 19.22 -17.11 4.51
CA PRO B 681 19.69 -18.43 4.10
C PRO B 681 20.35 -19.17 5.26
N GLY B 682 19.84 -20.36 5.57
CA GLY B 682 20.60 -21.26 6.42
C GLY B 682 21.81 -21.77 5.66
N GLY B 683 22.98 -21.33 6.08
CA GLY B 683 24.14 -21.43 5.22
C GLY B 683 24.52 -20.09 4.62
N GLY B 684 24.43 -19.95 3.31
CA GLY B 684 24.82 -18.72 2.66
C GLY B 684 26.31 -18.54 2.51
N ASN B 685 27.08 -19.61 2.57
CA ASN B 685 28.52 -19.51 2.40
C ASN B 685 28.86 -19.32 0.93
N LYS B 686 29.89 -18.53 0.65
CA LYS B 686 30.31 -18.24 -0.71
C LYS B 686 31.81 -18.46 -0.86
N LYS B 687 32.19 -19.04 -1.98
CA LYS B 687 33.59 -19.19 -2.36
C LYS B 687 33.74 -18.71 -3.80
N ILE B 688 34.64 -17.76 -4.02
CA ILE B 688 34.90 -17.21 -5.34
C ILE B 688 36.38 -17.38 -5.63
N GLU B 689 36.70 -18.01 -6.77
CA GLU B 689 38.06 -18.26 -7.17
C GLU B 689 38.24 -17.93 -8.64
N THR B 690 39.35 -17.28 -8.97
CA THR B 690 39.64 -16.87 -10.34
C THR B 690 41.07 -17.24 -10.69
N HIS B 691 41.25 -17.86 -11.85
CA HIS B 691 42.57 -18.22 -12.36
C HIS B 691 42.75 -17.60 -13.73
N LYS B 692 43.91 -16.97 -13.95
CA LYS B 692 44.23 -16.36 -15.23
C LYS B 692 45.69 -16.63 -15.56
N LEU B 693 45.94 -16.96 -16.82
CA LEU B 693 47.31 -17.14 -17.33
C LEU B 693 47.34 -16.51 -18.71
N THR B 694 47.93 -15.32 -18.79
CA THR B 694 48.00 -14.57 -20.04
C THR B 694 49.40 -14.66 -20.62
N PHE B 695 49.49 -15.02 -21.89
CA PHE B 695 50.78 -15.15 -22.57
C PHE B 695 50.95 -14.07 -23.62
N SER C 622 59.88 -23.60 -29.34
CA SER C 622 59.35 -24.66 -28.48
C SER C 622 58.75 -24.07 -27.21
N VAL C 623 57.44 -23.89 -27.21
CA VAL C 623 56.70 -23.32 -26.07
C VAL C 623 55.75 -24.40 -25.57
N GLN C 624 55.85 -24.69 -24.27
CA GLN C 624 55.07 -25.75 -23.64
C GLN C 624 54.35 -25.20 -22.42
N ILE C 625 53.05 -25.50 -22.30
CA ILE C 625 52.23 -25.05 -21.19
C ILE C 625 51.56 -26.26 -20.55
N VAL C 626 51.62 -26.35 -19.23
CA VAL C 626 50.92 -27.36 -18.45
C VAL C 626 49.98 -26.64 -17.49
N TYR C 627 48.72 -27.08 -17.46
CA TYR C 627 47.67 -26.38 -16.74
C TYR C 627 46.85 -27.43 -15.99
N LYS C 628 47.13 -27.60 -14.70
CA LYS C 628 46.63 -28.73 -13.91
C LYS C 628 46.01 -28.24 -12.60
N PRO C 629 44.90 -27.50 -12.67
CA PRO C 629 44.22 -27.14 -11.41
C PRO C 629 43.68 -28.39 -10.73
N VAL C 630 43.76 -28.41 -9.41
CA VAL C 630 43.18 -29.47 -8.59
C VAL C 630 42.36 -28.82 -7.49
N ASP C 631 41.11 -29.26 -7.33
CA ASP C 631 40.18 -28.63 -6.40
C ASP C 631 39.40 -29.73 -5.70
N LEU C 632 39.58 -29.85 -4.39
CA LEU C 632 38.80 -30.75 -3.56
C LEU C 632 38.05 -29.99 -2.48
N SER C 633 37.64 -28.76 -2.80
CA SER C 633 37.06 -27.87 -1.80
C SER C 633 35.65 -28.30 -1.43
N LYS C 634 35.22 -27.87 -0.25
CA LYS C 634 33.88 -28.15 0.27
C LYS C 634 33.24 -26.83 0.69
N VAL C 635 31.99 -26.62 0.27
CA VAL C 635 31.17 -25.52 0.73
C VAL C 635 29.88 -26.14 1.24
N THR C 636 29.77 -26.34 2.54
CA THR C 636 28.65 -27.07 3.12
C THR C 636 27.96 -26.20 4.16
N SER C 637 26.81 -26.68 4.63
CA SER C 637 26.05 -25.99 5.64
C SER C 637 25.14 -26.97 6.35
N LYS C 638 24.85 -26.69 7.62
CA LYS C 638 23.92 -27.47 8.41
C LYS C 638 23.10 -26.52 9.27
N CYS C 639 21.78 -26.70 9.26
CA CYS C 639 20.89 -25.88 10.06
C CYS C 639 19.83 -26.76 10.68
N GLY C 640 19.64 -26.64 11.99
CA GLY C 640 18.67 -27.50 12.66
C GLY C 640 17.24 -27.22 12.26
N SER C 641 16.86 -25.94 12.19
CA SER C 641 15.48 -25.58 11.88
C SER C 641 15.42 -24.13 11.47
N LEU C 642 14.91 -23.87 10.27
CA LEU C 642 14.59 -22.52 9.80
C LEU C 642 13.15 -22.20 10.17
N GLY C 643 12.97 -21.26 11.09
CA GLY C 643 11.73 -21.05 11.78
C GLY C 643 10.88 -19.95 11.17
N ASN C 644 10.04 -19.35 12.02
CA ASN C 644 9.04 -18.41 11.54
C ASN C 644 9.66 -17.09 11.10
N ILE C 645 9.34 -16.68 9.88
CA ILE C 645 9.87 -15.47 9.28
C ILE C 645 8.70 -14.66 8.73
N HIS C 646 8.61 -13.40 9.13
CA HIS C 646 7.51 -12.53 8.73
C HIS C 646 8.04 -11.33 7.98
N HIS C 647 7.47 -11.07 6.80
CA HIS C 647 7.82 -9.93 5.96
C HIS C 647 6.53 -9.18 5.65
N LYS C 648 6.39 -7.97 6.18
CA LYS C 648 5.16 -7.19 6.08
C LYS C 648 5.45 -5.77 5.62
N PRO C 649 5.67 -5.57 4.33
CA PRO C 649 5.87 -4.21 3.81
C PRO C 649 4.59 -3.40 3.88
N GLY C 650 4.75 -2.08 3.92
CA GLY C 650 3.62 -1.18 4.13
C GLY C 650 3.36 -0.15 3.03
N GLY C 651 3.50 -0.54 1.77
CA GLY C 651 3.16 0.36 0.67
C GLY C 651 4.27 1.34 0.32
N GLY C 652 3.88 2.39 -0.37
CA GLY C 652 4.81 3.44 -0.77
C GLY C 652 4.40 4.07 -2.09
N GLN C 653 5.10 5.16 -2.41
CA GLN C 653 4.90 5.94 -3.62
C GLN C 653 6.20 6.00 -4.40
N VAL C 654 6.13 5.76 -5.71
CA VAL C 654 7.28 5.92 -6.60
C VAL C 654 6.81 6.69 -7.84
N GLU C 655 7.56 7.70 -8.22
CA GLU C 655 7.23 8.52 -9.41
C GLU C 655 8.52 8.88 -10.16
N VAL C 656 8.61 8.53 -11.44
CA VAL C 656 9.77 8.80 -12.28
C VAL C 656 9.29 9.47 -13.55
N LYS C 657 9.94 10.57 -13.92
CA LYS C 657 9.70 11.26 -15.17
C LYS C 657 10.97 11.31 -16.00
N SER C 658 10.82 11.11 -17.30
CA SER C 658 11.94 11.18 -18.24
C SER C 658 11.39 11.53 -19.61
N GLU C 659 12.29 11.77 -20.54
CA GLU C 659 11.88 12.14 -21.89
C GLU C 659 12.51 11.27 -22.97
N LYS C 660 13.79 10.94 -22.85
CA LYS C 660 14.49 10.18 -23.88
C LYS C 660 15.36 9.13 -23.22
N LEU C 661 15.23 7.89 -23.66
CA LEU C 661 16.06 6.78 -23.19
C LEU C 661 16.75 6.15 -24.38
N ASP C 662 18.06 5.95 -24.28
CA ASP C 662 18.85 5.36 -25.36
C ASP C 662 19.85 4.40 -24.72
N PHE C 663 19.56 3.11 -24.78
CA PHE C 663 20.39 2.08 -24.20
C PHE C 663 21.05 1.28 -25.31
N LYS C 664 22.36 1.03 -25.17
CA LYS C 664 23.12 0.34 -26.19
C LYS C 664 24.09 -0.64 -25.56
N ASP C 665 24.53 -1.61 -26.36
CA ASP C 665 25.49 -2.65 -25.94
C ASP C 665 24.86 -3.43 -24.79
N ARG C 666 25.63 -3.77 -23.75
CA ARG C 666 25.15 -4.66 -22.68
C ARG C 666 24.70 -3.80 -21.50
N VAL C 667 23.42 -3.44 -21.48
CA VAL C 667 22.85 -2.56 -20.48
C VAL C 667 21.80 -3.33 -19.69
N GLN C 668 21.92 -3.28 -18.36
CA GLN C 668 20.91 -3.80 -17.45
C GLN C 668 20.33 -2.62 -16.69
N SER C 669 19.02 -2.40 -16.83
CA SER C 669 18.40 -1.20 -16.29
C SER C 669 17.10 -1.55 -15.58
N LYS C 670 16.71 -0.71 -14.64
CA LYS C 670 15.51 -0.92 -13.84
C LYS C 670 15.02 0.44 -13.35
N ILE C 671 13.84 0.85 -13.83
CA ILE C 671 13.33 2.20 -13.58
C ILE C 671 11.95 2.10 -12.96
N GLY C 672 11.77 2.75 -11.81
CA GLY C 672 10.45 2.85 -11.20
C GLY C 672 9.89 1.53 -10.69
N SER C 673 10.47 0.98 -9.64
CA SER C 673 10.05 -0.30 -9.10
C SER C 673 9.68 -0.18 -7.64
N LEU C 674 8.72 -1.02 -7.21
CA LEU C 674 8.32 -1.16 -5.82
C LEU C 674 8.24 -2.67 -5.57
N ASP C 675 9.36 -3.28 -5.20
CA ASP C 675 9.51 -4.72 -5.20
C ASP C 675 9.75 -5.23 -3.79
N ASN C 676 9.19 -6.41 -3.50
CA ASN C 676 9.31 -7.05 -2.20
C ASN C 676 9.79 -8.48 -2.42
N ILE C 677 10.87 -8.87 -1.73
CA ILE C 677 11.46 -10.18 -1.90
C ILE C 677 11.63 -10.84 -0.54
N THR C 678 11.15 -12.07 -0.42
CA THR C 678 11.43 -12.93 0.73
C THR C 678 12.13 -14.17 0.22
N HIS C 679 13.43 -14.28 0.50
CA HIS C 679 14.26 -15.37 0.00
C HIS C 679 14.81 -16.13 1.18
N VAL C 680 14.32 -17.36 1.38
CA VAL C 680 14.73 -18.16 2.53
C VAL C 680 15.19 -19.53 2.02
N PRO C 681 16.41 -19.64 1.48
CA PRO C 681 16.88 -20.97 1.05
C PRO C 681 17.55 -21.71 2.19
N GLY C 682 17.06 -22.91 2.50
CA GLY C 682 17.84 -23.82 3.32
C GLY C 682 19.04 -24.31 2.55
N GLY C 683 20.22 -23.86 2.96
CA GLY C 683 21.37 -23.93 2.08
C GLY C 683 21.72 -22.58 1.50
N GLY C 684 21.61 -22.44 0.19
CA GLY C 684 21.99 -21.19 -0.45
C GLY C 684 23.47 -20.99 -0.61
N ASN C 685 24.27 -22.06 -0.57
CA ASN C 685 25.70 -21.94 -0.76
C ASN C 685 26.02 -21.73 -2.23
N LYS C 686 27.05 -20.92 -2.51
CA LYS C 686 27.45 -20.61 -3.87
C LYS C 686 28.93 -20.81 -4.04
N LYS C 687 29.32 -21.38 -5.18
CA LYS C 687 30.71 -21.50 -5.58
C LYS C 687 30.84 -21.01 -7.00
N ILE C 688 31.73 -20.04 -7.23
CA ILE C 688 31.97 -19.47 -8.54
C ILE C 688 33.45 -19.63 -8.86
N GLU C 689 33.75 -20.24 -9.99
CA GLU C 689 35.13 -20.47 -10.41
C GLU C 689 35.28 -20.11 -11.88
N THR C 690 36.38 -19.45 -12.22
CA THR C 690 36.65 -19.01 -13.58
C THR C 690 38.08 -19.37 -13.96
N HIS C 691 38.25 -19.98 -15.12
CA HIS C 691 39.57 -20.32 -15.65
C HIS C 691 39.74 -19.68 -17.01
N LYS C 692 40.88 -19.03 -17.24
CA LYS C 692 41.19 -18.41 -18.52
C LYS C 692 42.63 -18.66 -18.87
N LEU C 693 42.89 -18.96 -20.14
CA LEU C 693 44.23 -19.13 -20.66
C LEU C 693 44.26 -18.48 -22.04
N THR C 694 44.82 -17.28 -22.12
CA THR C 694 44.87 -16.51 -23.35
C THR C 694 46.27 -16.58 -23.94
N PHE C 695 46.35 -16.92 -25.23
CA PHE C 695 47.63 -17.04 -25.91
C PHE C 695 47.79 -15.95 -26.96
N SER D 622 56.76 -25.27 -32.84
CA SER D 622 56.25 -26.34 -31.99
C SER D 622 55.66 -25.78 -30.71
N VAL D 623 54.35 -25.61 -30.69
CA VAL D 623 53.62 -25.07 -29.55
C VAL D 623 52.69 -26.17 -29.03
N GLN D 624 52.80 -26.47 -27.74
CA GLN D 624 52.04 -27.55 -27.12
C GLN D 624 51.33 -27.02 -25.88
N ILE D 625 50.04 -27.33 -25.76
CA ILE D 625 49.22 -26.90 -24.62
C ILE D 625 48.57 -28.13 -24.00
N VAL D 626 48.65 -28.23 -22.68
CA VAL D 626 47.97 -29.26 -21.91
C VAL D 626 47.03 -28.57 -20.94
N TYR D 627 45.78 -29.02 -20.89
CA TYR D 627 44.72 -28.33 -20.14
C TYR D 627 43.92 -29.40 -19.41
N LYS D 628 44.21 -29.60 -18.12
CA LYS D 628 43.74 -30.73 -17.34
C LYS D 628 43.12 -30.27 -16.03
N PRO D 629 42.01 -29.54 -16.05
CA PRO D 629 41.33 -29.21 -14.80
C PRO D 629 40.81 -30.47 -14.12
N VAL D 630 40.91 -30.50 -12.80
CA VAL D 630 40.35 -31.58 -11.99
C VAL D 630 39.54 -30.95 -10.88
N ASP D 631 38.29 -31.41 -10.71
CA ASP D 631 37.38 -30.80 -9.76
C ASP D 631 36.61 -31.92 -9.08
N LEU D 632 36.80 -32.05 -7.76
CA LEU D 632 36.03 -32.98 -6.93
C LEU D 632 35.28 -32.22 -5.84
N SER D 633 34.87 -31.00 -6.12
CA SER D 633 34.29 -30.14 -5.12
C SER D 633 32.88 -30.59 -4.73
N LYS D 634 32.46 -30.17 -3.55
CA LYS D 634 31.14 -30.47 -3.02
C LYS D 634 30.48 -29.17 -2.57
N VAL D 635 29.23 -28.97 -2.98
CA VAL D 635 28.40 -27.87 -2.50
C VAL D 635 27.12 -28.52 -1.99
N THR D 636 27.03 -28.74 -0.68
CA THR D 636 25.93 -29.49 -0.10
C THR D 636 25.24 -28.64 0.95
N SER D 637 24.09 -29.14 1.42
CA SER D 637 23.34 -28.46 2.46
C SER D 637 22.45 -29.46 3.17
N LYS D 638 22.17 -29.20 4.44
CA LYS D 638 21.25 -30.00 5.23
C LYS D 638 20.43 -29.07 6.12
N CYS D 639 19.12 -29.26 6.11
CA CYS D 639 18.22 -28.46 6.93
C CYS D 639 17.18 -29.37 7.55
N GLY D 640 17.00 -29.26 8.87
CA GLY D 640 16.05 -30.13 9.55
C GLY D 640 14.61 -29.87 9.15
N SER D 641 14.23 -28.60 9.10
CA SER D 641 12.83 -28.25 8.82
C SER D 641 12.75 -26.79 8.42
N LEU D 642 12.23 -26.53 7.23
CA LEU D 642 11.89 -25.17 6.78
C LEU D 642 10.46 -24.88 7.17
N GLY D 643 10.28 -23.95 8.10
CA GLY D 643 9.03 -23.76 8.81
C GLY D 643 8.17 -22.66 8.23
N ASN D 644 7.33 -22.07 9.09
CA ASN D 644 6.31 -21.15 8.64
C ASN D 644 6.91 -19.82 8.20
N ILE D 645 6.58 -19.39 6.99
CA ILE D 645 7.08 -18.17 6.40
C ILE D 645 5.90 -17.38 5.88
N HIS D 646 5.79 -16.11 6.29
CA HIS D 646 4.69 -15.25 5.91
C HIS D 646 5.21 -14.03 5.17
N HIS D 647 4.61 -13.77 4.01
CA HIS D 647 4.94 -12.61 3.18
C HIS D 647 3.64 -11.87 2.88
N LYS D 648 3.50 -10.67 3.44
CA LYS D 648 2.25 -9.91 3.36
C LYS D 648 2.52 -8.48 2.91
N PRO D 649 2.72 -8.26 1.62
CA PRO D 649 2.90 -6.88 1.12
C PRO D 649 1.62 -6.08 1.21
N GLY D 650 1.77 -4.76 1.27
CA GLY D 650 0.63 -3.88 1.49
C GLY D 650 0.34 -2.84 0.42
N GLY D 651 0.49 -3.21 -0.85
CA GLY D 651 0.12 -2.31 -1.94
C GLY D 651 1.21 -1.31 -2.28
N GLY D 652 0.79 -0.25 -2.97
CA GLY D 652 1.70 0.81 -3.35
C GLY D 652 1.29 1.46 -4.66
N GLN D 653 1.98 2.55 -4.97
CA GLN D 653 1.74 3.34 -6.18
C GLN D 653 3.04 3.43 -6.98
N VAL D 654 2.96 3.21 -8.28
CA VAL D 654 4.09 3.40 -9.18
C VAL D 654 3.60 4.17 -10.40
N GLU D 655 4.35 5.20 -10.79
CA GLU D 655 3.98 6.03 -11.97
C GLU D 655 5.26 6.41 -12.72
N VAL D 656 5.35 6.07 -14.00
CA VAL D 656 6.49 6.36 -14.84
C VAL D 656 5.99 7.05 -16.10
N LYS D 657 6.63 8.16 -16.47
CA LYS D 657 6.36 8.86 -17.70
C LYS D 657 7.63 8.93 -18.55
N SER D 658 7.46 8.76 -19.85
CA SER D 658 8.57 8.84 -20.79
C SER D 658 8.01 9.19 -22.16
N GLU D 659 8.89 9.46 -23.10
CA GLU D 659 8.47 9.86 -24.44
C GLU D 659 9.09 9.00 -25.53
N LYS D 660 10.38 8.69 -25.43
CA LYS D 660 11.07 7.94 -26.48
C LYS D 660 11.98 6.89 -25.84
N LEU D 661 11.84 5.65 -26.30
CA LEU D 661 12.70 4.56 -25.85
C LEU D 661 13.37 3.94 -27.06
N ASP D 662 14.69 3.75 -26.97
CA ASP D 662 15.47 3.18 -28.07
C ASP D 662 16.49 2.24 -27.45
N PHE D 663 16.20 0.95 -27.52
CA PHE D 663 17.06 -0.09 -26.96
C PHE D 663 17.72 -0.87 -28.10
N LYS D 664 19.02 -1.11 -27.97
CA LYS D 664 19.79 -1.78 -29.01
C LYS D 664 20.77 -2.75 -28.39
N ASP D 665 21.22 -3.70 -29.20
CA ASP D 665 22.19 -4.73 -28.83
C ASP D 665 21.58 -5.54 -27.67
N ARG D 666 22.36 -5.89 -26.65
CA ARG D 666 21.91 -6.78 -25.59
C ARG D 666 21.46 -5.95 -24.38
N VAL D 667 20.18 -5.62 -24.35
CA VAL D 667 19.61 -4.75 -23.32
C VAL D 667 18.58 -5.54 -22.53
N GLN D 668 18.70 -5.51 -21.21
CA GLN D 668 17.71 -6.05 -20.30
C GLN D 668 17.12 -4.89 -19.51
N SER D 669 15.82 -4.67 -19.64
CA SER D 669 15.19 -3.49 -19.07
C SER D 669 13.90 -3.87 -18.36
N LYS D 670 13.51 -3.03 -17.40
CA LYS D 670 12.32 -3.26 -16.59
C LYS D 670 11.82 -1.92 -16.09
N ILE D 671 10.64 -1.51 -16.53
CA ILE D 671 10.11 -0.18 -16.27
C ILE D 671 8.73 -0.30 -15.63
N GLY D 672 8.56 0.33 -14.48
CA GLY D 672 7.25 0.41 -13.85
C GLY D 672 6.70 -0.92 -13.36
N SER D 673 7.31 -1.47 -12.31
CA SER D 673 6.91 -2.77 -11.78
C SER D 673 6.55 -2.67 -10.32
N LEU D 674 5.60 -3.52 -9.90
CA LEU D 674 5.22 -3.70 -8.49
C LEU D 674 5.16 -5.20 -8.27
N ASP D 675 6.29 -5.80 -7.92
CA ASP D 675 6.46 -7.24 -7.94
C ASP D 675 6.71 -7.78 -6.53
N ASN D 676 6.17 -8.96 -6.25
CA ASN D 676 6.32 -9.61 -4.96
C ASN D 676 6.81 -11.03 -5.21
N ILE D 677 7.90 -11.42 -4.54
CA ILE D 677 8.51 -12.73 -4.73
C ILE D 677 8.69 -13.40 -3.38
N THR D 678 8.23 -14.64 -3.27
CA THR D 678 8.52 -15.50 -2.13
C THR D 678 9.24 -16.73 -2.67
N HIS D 679 10.53 -16.83 -2.40
CA HIS D 679 11.37 -17.90 -2.93
C HIS D 679 11.95 -18.68 -1.75
N VAL D 680 11.48 -19.91 -1.56
CA VAL D 680 11.90 -20.72 -0.44
C VAL D 680 12.37 -22.08 -0.96
N PRO D 681 13.58 -22.18 -1.51
CA PRO D 681 14.07 -23.48 -1.96
C PRO D 681 14.76 -24.24 -0.84
N GLY D 682 14.28 -25.45 -0.55
CA GLY D 682 15.08 -26.35 0.25
C GLY D 682 16.29 -26.82 -0.54
N GLY D 683 17.47 -26.36 -0.14
CA GLY D 683 18.60 -26.41 -1.03
C GLY D 683 18.94 -25.05 -1.60
N GLY D 684 18.81 -24.89 -2.91
CA GLY D 684 19.17 -23.63 -3.52
C GLY D 684 20.65 -23.41 -3.71
N ASN D 685 21.44 -24.47 -3.69
CA ASN D 685 22.88 -24.34 -3.89
C ASN D 685 23.19 -24.10 -5.36
N LYS D 686 24.19 -23.28 -5.63
CA LYS D 686 24.57 -22.95 -7.00
C LYS D 686 26.07 -23.13 -7.18
N LYS D 687 26.44 -23.69 -8.33
CA LYS D 687 27.83 -23.79 -8.75
C LYS D 687 27.94 -23.27 -10.18
N ILE D 688 28.81 -22.30 -10.39
CA ILE D 688 29.04 -21.71 -11.70
C ILE D 688 30.52 -21.84 -12.03
N GLU D 689 30.82 -22.43 -13.18
CA GLU D 689 32.19 -22.65 -13.62
C GLU D 689 32.31 -22.27 -15.09
N THR D 690 33.41 -21.60 -15.42
CA THR D 690 33.65 -21.14 -16.79
C THR D 690 35.09 -21.47 -17.17
N HIS D 691 35.26 -22.07 -18.35
CA HIS D 691 36.57 -22.38 -18.90
C HIS D 691 36.70 -21.72 -20.26
N LYS D 692 37.84 -21.06 -20.48
CA LYS D 692 38.12 -20.42 -21.76
C LYS D 692 39.58 -20.64 -22.13
N LEU D 693 39.82 -20.93 -23.40
CA LEU D 693 41.17 -21.09 -23.94
C LEU D 693 41.17 -20.41 -25.31
N THR D 694 41.73 -19.20 -25.38
CA THR D 694 41.75 -18.42 -26.61
C THR D 694 43.15 -18.47 -27.22
N PHE D 695 43.22 -18.79 -28.50
CA PHE D 695 44.49 -18.89 -29.20
C PHE D 695 44.61 -17.78 -30.24
N SER E 622 53.61 -26.94 -36.36
CA SER E 622 53.12 -28.03 -35.52
C SER E 622 52.53 -27.49 -34.23
N VAL E 623 51.21 -27.34 -34.19
CA VAL E 623 50.50 -26.82 -33.03
C VAL E 623 49.59 -27.92 -32.52
N GLN E 624 49.71 -28.25 -31.24
CA GLN E 624 48.97 -29.33 -30.62
C GLN E 624 48.26 -28.83 -29.37
N ILE E 625 46.98 -29.17 -29.24
CA ILE E 625 46.17 -28.76 -28.10
C ILE E 625 45.54 -29.99 -27.48
N VAL E 626 45.64 -30.12 -26.16
CA VAL E 626 44.98 -31.16 -25.39
C VAL E 626 44.04 -30.49 -24.40
N TYR E 627 42.79 -30.96 -24.34
CA TYR E 627 41.73 -30.29 -23.58
C TYR E 627 40.95 -31.39 -22.85
N LYS E 628 41.27 -31.58 -21.57
CA LYS E 628 40.81 -32.73 -20.79
C LYS E 628 40.20 -32.29 -19.47
N PRO E 629 39.08 -31.57 -19.48
CA PRO E 629 38.42 -31.27 -18.21
C PRO E 629 37.92 -32.55 -17.55
N VAL E 630 38.03 -32.59 -16.22
CA VAL E 630 37.49 -33.69 -15.42
C VAL E 630 36.67 -33.08 -14.29
N ASP E 631 35.45 -33.56 -14.12
CA ASP E 631 34.53 -32.98 -13.15
C ASP E 631 33.79 -34.11 -12.46
N LEU E 632 33.99 -34.25 -11.16
CA LEU E 632 33.25 -35.19 -10.33
C LEU E 632 32.50 -34.46 -9.22
N SER E 633 32.07 -33.24 -9.49
CA SER E 633 31.50 -32.39 -8.46
C SER E 633 30.09 -32.87 -8.08
N LYS E 634 29.68 -32.47 -6.88
CA LYS E 634 28.37 -32.79 -6.33
C LYS E 634 27.70 -31.51 -5.87
N VAL E 635 26.45 -31.31 -6.25
CA VAL E 635 25.61 -30.23 -5.75
C VAL E 635 24.34 -30.89 -5.24
N THR E 636 24.27 -31.13 -3.93
CA THR E 636 23.19 -31.90 -3.35
C THR E 636 22.49 -31.07 -2.28
N SER E 637 21.37 -31.59 -1.80
CA SER E 637 20.61 -30.93 -0.74
C SER E 637 19.73 -31.96 -0.04
N LYS E 638 19.48 -31.71 1.24
CA LYS E 638 18.57 -32.53 2.03
C LYS E 638 17.75 -31.63 2.93
N CYS E 639 16.44 -31.83 2.94
CA CYS E 639 15.55 -31.04 3.79
C CYS E 639 14.52 -31.98 4.40
N GLY E 640 14.35 -31.89 5.72
CA GLY E 640 13.42 -32.77 6.40
C GLY E 640 11.98 -32.52 6.03
N SER E 641 11.57 -31.25 5.99
CA SER E 641 10.17 -30.92 5.74
C SER E 641 10.07 -29.45 5.36
N LEU E 642 9.53 -29.18 4.17
CA LEU E 642 9.18 -27.82 3.75
C LEU E 642 7.74 -27.55 4.16
N GLY E 643 7.57 -26.63 5.10
CA GLY E 643 6.33 -26.46 5.83
C GLY E 643 5.44 -25.37 5.27
N ASN E 644 4.61 -24.81 6.14
CA ASN E 644 3.57 -23.88 5.71
C ASN E 644 4.16 -22.54 5.29
N ILE E 645 3.80 -22.10 4.09
CA ILE E 645 4.29 -20.87 3.50
C ILE E 645 3.10 -20.07 3.00
N HIS E 646 2.99 -18.82 3.44
CA HIS E 646 1.86 -17.98 3.08
C HIS E 646 2.35 -16.73 2.35
N HIS E 647 1.75 -16.47 1.19
CA HIS E 647 2.05 -15.30 0.38
C HIS E 647 0.74 -14.57 0.10
N LYS E 648 0.59 -13.37 0.67
CA LYS E 648 -0.66 -12.62 0.63
C LYS E 648 -0.41 -11.18 0.19
N PRO E 649 -0.22 -10.94 -1.11
CA PRO E 649 -0.07 -9.57 -1.58
C PRO E 649 -1.36 -8.78 -1.47
N GLY E 650 -1.23 -7.45 -1.41
CA GLY E 650 -2.37 -6.58 -1.15
C GLY E 650 -2.67 -5.55 -2.21
N GLY E 651 -2.55 -5.89 -3.49
CA GLY E 651 -2.93 -4.98 -4.55
C GLY E 651 -1.86 -3.96 -4.90
N GLY E 652 -2.29 -2.91 -5.57
CA GLY E 652 -1.39 -1.83 -5.95
C GLY E 652 -1.83 -1.17 -7.25
N GLN E 653 -1.17 -0.06 -7.55
CA GLN E 653 -1.41 0.74 -8.74
C GLN E 653 -0.13 0.85 -9.54
N VAL E 654 -0.23 0.65 -10.86
CA VAL E 654 0.90 0.86 -11.77
C VAL E 654 0.39 1.63 -12.97
N GLU E 655 1.11 2.69 -13.35
CA GLU E 655 0.73 3.53 -14.51
C GLU E 655 1.99 3.95 -15.28
N VAL E 656 2.07 3.60 -16.56
CA VAL E 656 3.20 3.92 -17.42
C VAL E 656 2.68 4.61 -18.66
N LYS E 657 3.31 5.74 -19.02
CA LYS E 657 3.01 6.45 -20.25
C LYS E 657 4.27 6.55 -21.11
N SER E 658 4.10 6.38 -22.41
CA SER E 658 5.19 6.50 -23.36
C SER E 658 4.61 6.87 -24.72
N GLU E 659 5.47 7.15 -25.66
CA GLU E 659 5.04 7.56 -26.99
C GLU E 659 5.65 6.72 -28.10
N LYS E 660 6.95 6.41 -28.02
CA LYS E 660 7.62 5.69 -29.08
C LYS E 660 8.55 4.65 -28.47
N LEU E 661 8.44 3.41 -28.93
CA LEU E 661 9.30 2.32 -28.52
C LEU E 661 9.97 1.73 -29.74
N ASP E 662 11.29 1.56 -29.66
CA ASP E 662 12.07 1.01 -30.78
C ASP E 662 13.10 0.06 -30.18
N PHE E 663 12.83 -1.23 -30.28
CA PHE E 663 13.70 -2.26 -29.73
C PHE E 663 14.36 -3.01 -30.88
N LYS E 664 15.66 -3.25 -30.78
CA LYS E 664 16.43 -3.90 -31.84
C LYS E 664 17.43 -4.87 -31.23
N ASP E 665 17.87 -5.81 -32.06
CA ASP E 665 18.86 -6.84 -31.71
C ASP E 665 18.28 -7.66 -30.56
N ARG E 666 19.06 -8.01 -29.55
CA ARG E 666 18.63 -8.92 -28.49
C ARG E 666 18.20 -8.11 -27.28
N VAL E 667 16.91 -7.79 -27.23
CA VAL E 667 16.34 -6.94 -26.19
C VAL E 667 15.32 -7.75 -25.39
N GLN E 668 15.47 -7.74 -24.07
CA GLN E 668 14.49 -8.30 -23.15
C GLN E 668 13.90 -7.15 -22.34
N SER E 669 12.59 -6.95 -22.45
CA SER E 669 11.95 -5.78 -21.87
C SER E 669 10.68 -6.18 -21.14
N LYS E 670 10.29 -5.36 -20.17
CA LYS E 670 9.11 -5.62 -19.35
C LYS E 670 8.60 -4.29 -18.82
N ILE E 671 7.41 -3.89 -19.26
CA ILE E 671 6.88 -2.56 -18.96
C ILE E 671 5.51 -2.71 -18.32
N GLY E 672 5.34 -2.09 -17.15
CA GLY E 672 4.04 -2.04 -16.52
C GLY E 672 3.51 -3.37 -16.03
N SER E 673 4.13 -3.93 -15.00
CA SER E 673 3.75 -5.24 -14.48
C SER E 673 3.41 -5.16 -13.00
N LEU E 674 2.48 -6.03 -12.59
CA LEU E 674 2.10 -6.22 -11.19
C LEU E 674 2.06 -7.74 -10.98
N ASP E 675 3.21 -8.32 -10.65
CA ASP E 675 3.39 -9.77 -10.69
C ASP E 675 3.66 -10.32 -9.29
N ASN E 676 3.13 -11.51 -9.02
CA ASN E 676 3.31 -12.18 -7.73
C ASN E 676 3.80 -13.59 -8.00
N ILE E 677 4.91 -13.97 -7.35
CA ILE E 677 5.53 -15.27 -7.57
C ILE E 677 5.74 -15.96 -6.23
N THR E 678 5.29 -17.20 -6.13
CA THR E 678 5.61 -18.08 -5.01
C THR E 678 6.32 -19.29 -5.57
N HIS E 679 7.63 -19.38 -5.32
CA HIS E 679 8.48 -20.43 -5.87
C HIS E 679 9.07 -21.23 -4.71
N VAL E 680 8.62 -22.46 -4.53
CA VAL E 680 9.05 -23.29 -3.42
C VAL E 680 9.53 -24.63 -3.96
N PRO E 681 10.74 -24.70 -4.53
CA PRO E 681 11.24 -26.00 -5.00
C PRO E 681 11.96 -26.77 -3.89
N GLY E 682 11.49 -27.99 -3.62
CA GLY E 682 12.31 -28.90 -2.83
C GLY E 682 13.51 -29.34 -3.64
N GLY E 683 14.68 -28.86 -3.25
CA GLY E 683 15.82 -28.89 -4.15
C GLY E 683 16.12 -27.53 -4.71
N GLY E 684 15.98 -27.35 -6.01
CA GLY E 684 16.32 -26.07 -6.62
C GLY E 684 17.80 -25.84 -6.81
N ASN E 685 18.61 -26.89 -6.82
CA ASN E 685 20.03 -26.73 -7.02
C ASN E 685 20.32 -26.48 -8.50
N LYS E 686 21.31 -25.64 -8.78
CA LYS E 686 21.68 -25.29 -10.14
C LYS E 686 23.17 -25.45 -10.34
N LYS E 687 23.54 -26.00 -11.50
CA LYS E 687 24.93 -26.07 -11.94
C LYS E 687 25.02 -25.54 -13.36
N ILE E 688 25.88 -24.55 -13.58
CA ILE E 688 26.08 -23.94 -14.88
C ILE E 688 27.55 -24.05 -15.23
N GLU E 689 27.84 -24.63 -16.39
CA GLU E 689 29.22 -24.83 -16.84
C GLU E 689 29.32 -24.43 -18.31
N THR E 690 30.40 -23.74 -18.65
CA THR E 690 30.63 -23.26 -20.00
C THR E 690 32.06 -23.57 -20.42
N HIS E 691 32.23 -24.14 -21.60
CA HIS E 691 33.53 -24.44 -22.17
C HIS E 691 33.66 -23.77 -23.52
N LYS E 692 34.78 -23.10 -23.75
CA LYS E 692 35.04 -22.43 -25.02
C LYS E 692 36.50 -22.64 -25.41
N LEU E 693 36.72 -22.91 -26.70
CA LEU E 693 38.07 -23.04 -27.25
C LEU E 693 38.05 -22.35 -28.61
N THR E 694 38.59 -21.13 -28.67
CA THR E 694 38.59 -20.33 -29.88
C THR E 694 39.98 -20.36 -30.51
N PHE E 695 40.03 -20.67 -31.79
CA PHE E 695 41.30 -20.74 -32.51
C PHE E 695 41.41 -19.61 -33.54
N SER F 622 50.43 -28.59 -39.88
CA SER F 622 49.96 -29.69 -39.05
C SER F 622 49.39 -29.17 -37.73
N VAL F 623 48.07 -29.04 -37.68
CA VAL F 623 47.37 -28.54 -36.50
C VAL F 623 46.47 -29.67 -36.00
N GLN F 624 46.62 -30.00 -34.73
CA GLN F 624 45.89 -31.11 -34.11
C GLN F 624 45.20 -30.63 -32.84
N ILE F 625 43.92 -30.97 -32.70
CA ILE F 625 43.12 -30.58 -31.54
C ILE F 625 42.50 -31.84 -30.94
N VAL F 626 42.62 -31.97 -29.62
CA VAL F 626 41.97 -33.04 -28.86
C VAL F 626 41.04 -32.38 -27.85
N TYR F 627 39.80 -32.88 -27.78
CA TYR F 627 38.75 -32.23 -27.00
C TYR F 627 37.99 -33.34 -26.28
N LYS F 628 38.32 -33.55 -25.01
CA LYS F 628 37.88 -34.72 -24.24
C LYS F 628 37.28 -34.31 -22.90
N PRO F 629 36.15 -33.59 -22.89
CA PRO F 629 35.50 -33.32 -21.60
C PRO F 629 35.02 -34.60 -20.95
N VAL F 630 35.15 -34.66 -19.63
CA VAL F 630 34.63 -35.77 -18.84
C VAL F 630 33.82 -35.19 -17.69
N ASP F 631 32.60 -35.68 -17.51
CA ASP F 631 31.69 -35.12 -16.53
C ASP F 631 30.96 -36.27 -15.85
N LEU F 632 31.19 -36.43 -14.55
CA LEU F 632 30.46 -37.39 -13.72
C LEU F 632 29.72 -36.68 -12.59
N SER F 633 29.27 -35.46 -12.85
CA SER F 633 28.70 -34.63 -11.80
C SER F 633 27.31 -35.13 -11.40
N LYS F 634 26.90 -34.74 -10.19
CA LYS F 634 25.60 -35.08 -9.65
C LYS F 634 24.92 -33.82 -9.15
N VAL F 635 23.66 -33.63 -9.52
CA VAL F 635 22.82 -32.56 -9.00
C VAL F 635 21.57 -33.25 -8.48
N THR F 636 21.51 -33.50 -7.18
CA THR F 636 20.44 -34.29 -6.58
C THR F 636 19.75 -33.49 -5.50
N SER F 637 18.64 -34.02 -5.01
CA SER F 637 17.88 -33.38 -3.95
C SER F 637 17.03 -34.43 -3.24
N LYS F 638 16.78 -34.19 -1.96
CA LYS F 638 15.89 -35.04 -1.17
C LYS F 638 15.08 -34.16 -0.25
N CYS F 639 13.76 -34.37 -0.23
CA CYS F 639 12.88 -33.61 0.64
C CYS F 639 11.86 -34.56 1.25
N GLY F 640 11.71 -34.49 2.57
CA GLY F 640 10.80 -35.40 3.25
C GLY F 640 9.34 -35.16 2.90
N SER F 641 8.92 -33.89 2.89
CA SER F 641 7.52 -33.57 2.65
C SER F 641 7.39 -32.09 2.28
N LEU F 642 6.84 -31.81 1.11
CA LEU F 642 6.47 -30.46 0.70
C LEU F 642 5.02 -30.20 1.14
N GLY F 643 4.86 -29.31 2.09
CA GLY F 643 3.62 -29.15 2.83
C GLY F 643 2.72 -28.06 2.30
N ASN F 644 1.89 -27.51 3.19
CA ASN F 644 0.84 -26.60 2.78
C ASN F 644 1.41 -25.25 2.37
N ILE F 645 1.04 -24.80 1.18
CA ILE F 645 1.51 -23.55 0.60
C ILE F 645 0.30 -22.77 0.13
N HIS F 646 0.17 -21.52 0.57
CA HIS F 646 -0.96 -20.68 0.25
C HIS F 646 -0.49 -19.43 -0.48
N HIS F 647 -1.11 -19.15 -1.62
CA HIS F 647 -0.83 -17.97 -2.43
C HIS F 647 -2.15 -17.24 -2.68
N LYS F 648 -2.31 -16.06 -2.09
CA LYS F 648 -3.57 -15.32 -2.12
C LYS F 648 -3.34 -13.87 -2.54
N PRO F 649 -3.17 -13.62 -3.83
CA PRO F 649 -3.03 -12.23 -4.29
C PRO F 649 -4.33 -11.46 -4.16
N GLY F 650 -4.21 -10.14 -4.07
CA GLY F 650 -5.36 -9.29 -3.80
C GLY F 650 -5.69 -8.23 -4.84
N GLY F 651 -5.58 -8.56 -6.12
CA GLY F 651 -5.98 -7.65 -7.17
C GLY F 651 -4.92 -6.61 -7.51
N GLY F 652 -5.37 -5.54 -8.16
CA GLY F 652 -4.49 -4.46 -8.54
C GLY F 652 -4.95 -3.79 -9.83
N GLN F 653 -4.29 -2.67 -10.13
CA GLN F 653 -4.57 -1.85 -11.30
C GLN F 653 -3.29 -1.72 -12.12
N VAL F 654 -3.41 -1.91 -13.43
CA VAL F 654 -2.30 -1.68 -14.35
C VAL F 654 -2.82 -0.89 -15.55
N GLU F 655 -2.12 0.19 -15.89
CA GLU F 655 -2.51 1.04 -17.05
C GLU F 655 -1.25 1.43 -17.83
N VAL F 656 -1.21 1.14 -19.12
CA VAL F 656 -0.08 1.47 -19.99
C VAL F 656 -0.62 2.19 -21.22
N LYS F 657 -0.01 3.32 -21.56
CA LYS F 657 -0.33 4.04 -22.78
C LYS F 657 0.92 4.16 -23.65
N SER F 658 0.72 4.02 -24.96
CA SER F 658 1.81 4.16 -25.92
C SER F 658 1.20 4.54 -27.26
N GLU F 659 2.07 4.84 -28.21
CA GLU F 659 1.61 5.26 -29.54
C GLU F 659 2.22 4.44 -30.67
N LYS F 660 3.51 4.15 -30.60
CA LYS F 660 4.20 3.45 -31.67
C LYS F 660 5.14 2.41 -31.09
N LEU F 661 5.03 1.17 -31.57
CA LEU F 661 5.91 0.09 -31.16
C LEU F 661 6.57 -0.49 -32.41
N ASP F 662 7.90 -0.65 -32.35
CA ASP F 662 8.66 -1.17 -33.48
C ASP F 662 9.71 -2.10 -32.91
N PHE F 663 9.46 -3.40 -33.01
CA PHE F 663 10.35 -4.43 -32.50
C PHE F 663 11.00 -5.17 -33.66
N LYS F 664 12.31 -5.38 -33.57
CA LYS F 664 13.06 -6.01 -34.64
C LYS F 664 14.08 -6.98 -34.07
N ASP F 665 14.53 -7.89 -34.92
CA ASP F 665 15.53 -8.92 -34.59
C ASP F 665 14.96 -9.77 -33.44
N ARG F 666 15.78 -10.12 -32.45
CA ARG F 666 15.36 -11.05 -31.39
C ARG F 666 14.94 -10.26 -30.16
N VAL F 667 13.64 -9.95 -30.10
CA VAL F 667 13.07 -9.13 -29.03
C VAL F 667 12.08 -9.96 -28.24
N GLN F 668 12.24 -9.97 -26.92
CA GLN F 668 11.27 -10.54 -26.00
C GLN F 668 10.68 -9.41 -25.17
N SER F 669 9.37 -9.22 -25.26
CA SER F 669 8.73 -8.07 -24.65
C SER F 669 7.46 -8.49 -23.92
N LYS F 670 7.07 -7.70 -22.94
CA LYS F 670 5.92 -7.97 -22.10
C LYS F 670 5.40 -6.65 -21.56
N ILE F 671 4.20 -6.26 -21.96
CA ILE F 671 3.64 -4.94 -21.66
C ILE F 671 2.29 -5.10 -21.00
N GLY F 672 2.12 -4.51 -19.82
CA GLY F 672 0.83 -4.48 -19.16
C GLY F 672 0.32 -5.82 -18.69
N SER F 673 0.96 -6.39 -17.67
CA SER F 673 0.59 -7.71 -17.18
C SER F 673 0.27 -7.65 -15.69
N LEU F 674 -0.65 -8.53 -15.28
CA LEU F 674 -1.01 -8.75 -13.87
C LEU F 674 -1.03 -10.27 -13.69
N ASP F 675 0.13 -10.84 -13.37
CA ASP F 675 0.33 -12.28 -13.43
C ASP F 675 0.62 -12.86 -12.04
N ASN F 676 0.12 -14.06 -11.78
CA ASN F 676 0.30 -14.73 -10.51
C ASN F 676 0.82 -16.13 -10.80
N ILE F 677 1.93 -16.51 -10.17
CA ILE F 677 2.56 -17.81 -10.42
C ILE F 677 2.79 -18.51 -9.08
N THR F 678 2.36 -19.76 -8.99
CA THR F 678 2.70 -20.65 -7.88
C THR F 678 3.43 -21.85 -8.47
N HIS F 679 4.73 -21.92 -8.23
CA HIS F 679 5.58 -22.96 -8.80
C HIS F 679 6.20 -23.75 -7.67
N VAL F 680 5.76 -25.00 -7.50
CA VAL F 680 6.22 -25.83 -6.39
C VAL F 680 6.71 -27.16 -6.97
N PRO F 681 7.91 -27.22 -7.54
CA PRO F 681 8.41 -28.50 -8.04
C PRO F 681 9.14 -29.28 -6.95
N GLY F 682 8.71 -30.50 -6.69
CA GLY F 682 9.54 -31.40 -5.92
C GLY F 682 10.73 -31.83 -6.75
N GLY F 683 11.91 -31.35 -6.36
CA GLY F 683 13.03 -31.36 -7.28
C GLY F 683 13.32 -29.98 -7.81
N GLY F 684 13.16 -29.78 -9.12
CA GLY F 684 13.48 -28.50 -9.71
C GLY F 684 14.94 -28.24 -9.92
N ASN F 685 15.77 -29.29 -9.95
CA ASN F 685 17.20 -29.12 -10.17
C ASN F 685 17.46 -28.84 -11.65
N LYS F 686 18.44 -27.99 -11.93
CA LYS F 686 18.79 -27.61 -13.29
C LYS F 686 20.29 -27.76 -13.50
N LYS F 687 20.65 -28.28 -14.68
CA LYS F 687 22.03 -28.34 -15.13
C LYS F 687 22.09 -27.79 -16.54
N ILE F 688 22.95 -26.78 -16.75
CA ILE F 688 23.13 -26.16 -18.05
C ILE F 688 24.59 -26.25 -18.42
N GLU F 689 24.88 -26.81 -19.59
CA GLU F 689 26.24 -26.98 -20.06
C GLU F 689 26.32 -26.56 -21.52
N THR F 690 27.40 -25.86 -21.87
CA THR F 690 27.61 -25.36 -23.22
C THR F 690 29.04 -25.65 -23.65
N HIS F 691 29.20 -26.21 -24.84
CA HIS F 691 30.50 -26.48 -25.42
C HIS F 691 30.60 -25.79 -26.78
N LYS F 692 31.72 -25.10 -27.00
CA LYS F 692 31.95 -24.42 -28.27
C LYS F 692 33.40 -24.60 -28.68
N LEU F 693 33.62 -24.86 -29.97
CA LEU F 693 34.96 -24.97 -30.54
C LEU F 693 34.92 -24.26 -31.88
N THR F 694 35.44 -23.04 -31.94
CA THR F 694 35.43 -22.23 -33.14
C THR F 694 36.81 -22.23 -33.79
N PHE F 695 36.85 -22.51 -35.07
CA PHE F 695 38.11 -22.56 -35.81
C PHE F 695 38.19 -21.43 -36.82
N SER G 622 -43.87 39.44 41.23
CA SER G 622 -43.90 39.94 39.86
C SER G 622 -42.50 40.03 39.28
N VAL G 623 -42.11 39.01 38.53
CA VAL G 623 -40.79 38.93 37.91
C VAL G 623 -40.99 38.95 36.40
N GLN G 624 -40.32 39.87 35.72
CA GLN G 624 -40.46 40.07 34.29
C GLN G 624 -39.08 40.05 33.63
N ILE G 625 -38.96 39.28 32.54
CA ILE G 625 -37.71 39.17 31.80
C ILE G 625 -37.97 39.50 30.34
N VAL G 626 -37.13 40.35 29.77
CA VAL G 626 -37.15 40.66 28.35
C VAL G 626 -35.80 40.27 27.76
N TYR G 627 -35.84 39.55 26.64
CA TYR G 627 -34.63 38.94 26.07
C TYR G 627 -34.70 39.16 24.56
N LYS G 628 -33.97 40.18 24.09
CA LYS G 628 -34.09 40.70 22.73
C LYS G 628 -32.74 40.82 22.06
N PRO G 629 -32.03 39.71 21.81
CA PRO G 629 -30.79 39.81 21.04
C PRO G 629 -31.08 40.28 19.62
N VAL G 630 -30.19 41.11 19.10
CA VAL G 630 -30.23 41.56 17.71
C VAL G 630 -28.86 41.36 17.10
N ASP G 631 -28.81 40.72 15.93
CA ASP G 631 -27.55 40.35 15.31
C ASP G 631 -27.68 40.59 13.82
N LEU G 632 -26.88 41.53 13.30
CA LEU G 632 -26.77 41.78 11.87
C LEU G 632 -25.34 41.57 11.38
N SER G 633 -24.63 40.64 12.02
CA SER G 633 -23.22 40.46 11.75
C SER G 633 -22.98 39.81 10.39
N LYS G 634 -21.77 40.02 9.87
CA LYS G 634 -21.34 39.46 8.59
C LYS G 634 -20.01 38.75 8.79
N VAL G 635 -19.92 37.52 8.28
CA VAL G 635 -18.66 36.78 8.22
C VAL G 635 -18.49 36.36 6.77
N THR G 636 -17.71 37.12 6.02
CA THR G 636 -17.59 36.92 4.58
C THR G 636 -16.13 36.69 4.22
N SER G 637 -15.91 36.31 2.96
CA SER G 637 -14.57 36.09 2.45
C SER G 637 -14.58 36.21 0.94
N LYS G 638 -13.45 36.63 0.38
CA LYS G 638 -13.26 36.70 -1.06
C LYS G 638 -11.85 36.25 -1.38
N CYS G 639 -11.72 35.35 -2.35
CA CYS G 639 -10.42 34.87 -2.78
C CYS G 639 -10.39 34.79 -4.29
N GLY G 640 -9.35 35.36 -4.90
CA GLY G 640 -9.29 35.38 -6.36
C GLY G 640 -9.10 34.00 -6.96
N SER G 641 -8.19 33.21 -6.39
CA SER G 641 -7.88 31.90 -6.95
C SER G 641 -7.15 31.06 -5.92
N LEU G 642 -7.71 29.90 -5.58
CA LEU G 642 -7.04 28.90 -4.76
C LEU G 642 -6.27 27.96 -5.68
N GLY G 643 -4.96 28.01 -5.61
CA GLY G 643 -4.08 27.42 -6.59
C GLY G 643 -3.58 26.04 -6.22
N ASN G 644 -2.41 25.70 -6.76
CA ASN G 644 -1.89 24.34 -6.65
C ASN G 644 -1.41 24.04 -5.23
N ILE G 645 -1.91 22.95 -4.66
CA ILE G 645 -1.59 22.52 -3.31
C ILE G 645 -1.18 21.07 -3.36
N HIS G 646 -0.02 20.75 -2.81
CA HIS G 646 0.52 19.40 -2.83
C HIS G 646 0.73 18.90 -1.41
N HIS G 647 0.20 17.71 -1.13
CA HIS G 647 0.34 17.05 0.16
C HIS G 647 0.89 15.65 -0.10
N LYS G 648 2.13 15.40 0.34
CA LYS G 648 2.84 14.16 0.04
C LYS G 648 3.45 13.57 1.30
N PRO G 649 2.64 12.91 2.13
CA PRO G 649 3.19 12.24 3.32
C PRO G 649 4.05 11.05 2.94
N GLY G 650 4.95 10.69 3.85
CA GLY G 650 5.94 9.66 3.57
C GLY G 650 5.95 8.45 4.50
N GLY G 651 4.78 7.97 4.89
CA GLY G 651 4.70 6.75 5.69
C GLY G 651 4.92 6.98 7.17
N GLY G 652 5.24 5.90 7.87
CA GLY G 652 5.50 5.96 9.29
C GLY G 652 5.11 4.67 9.98
N GLN G 653 5.50 4.58 11.25
CA GLN G 653 5.23 3.43 12.12
C GLN G 653 4.48 3.90 13.34
N VAL G 654 3.42 3.17 13.72
CA VAL G 654 2.68 3.43 14.95
C VAL G 654 2.45 2.10 15.64
N GLU G 655 2.76 2.03 16.94
CA GLU G 655 2.56 0.79 17.73
C GLU G 655 2.02 1.14 19.12
N VAL G 656 0.86 0.62 19.50
CA VAL G 656 0.24 0.88 20.80
C VAL G 656 -0.08 -0.46 21.44
N LYS G 657 0.29 -0.61 22.71
CA LYS G 657 -0.05 -1.78 23.50
C LYS G 657 -0.85 -1.35 24.73
N SER G 658 -1.86 -2.14 25.07
CA SER G 658 -2.67 -1.90 26.23
C SER G 658 -3.28 -3.23 26.67
N GLU G 659 -3.94 -3.21 27.82
CA GLU G 659 -4.53 -4.41 28.36
C GLU G 659 -6.01 -4.26 28.70
N LYS G 660 -6.41 -3.14 29.29
CA LYS G 660 -7.79 -2.94 29.72
C LYS G 660 -8.23 -1.54 29.38
N LEU G 661 -9.37 -1.41 28.70
CA LEU G 661 -9.96 -0.13 28.38
C LEU G 661 -11.37 -0.08 28.95
N ASP G 662 -11.70 1.00 29.65
CA ASP G 662 -13.02 1.17 30.26
C ASP G 662 -13.42 2.62 30.07
N PHE G 663 -14.30 2.86 29.10
CA PHE G 663 -14.78 4.19 28.77
C PHE G 663 -16.23 4.32 29.19
N LYS G 664 -16.56 5.44 29.83
CA LYS G 664 -17.91 5.67 30.35
C LYS G 664 -18.33 7.10 30.11
N ASP G 665 -19.64 7.32 30.15
CA ASP G 665 -20.26 8.64 29.97
C ASP G 665 -19.88 9.15 28.58
N ARG G 666 -19.54 10.43 28.43
CA ARG G 666 -19.31 11.04 27.12
C ARG G 666 -17.82 11.07 26.84
N VAL G 667 -17.31 10.02 26.20
CA VAL G 667 -15.89 9.87 25.95
C VAL G 667 -15.66 9.85 24.44
N GLN G 668 -14.74 10.68 23.98
CA GLN G 668 -14.26 10.67 22.60
C GLN G 668 -12.80 10.25 22.61
N SER G 669 -12.49 9.14 21.95
CA SER G 669 -11.15 8.56 22.05
C SER G 669 -10.66 8.15 20.67
N LYS G 670 -9.34 8.10 20.53
CA LYS G 670 -8.69 7.78 19.27
C LYS G 670 -7.32 7.19 19.58
N ILE G 671 -7.12 5.91 19.25
CA ILE G 671 -5.93 5.18 19.63
C ILE G 671 -5.29 4.57 18.40
N GLY G 672 -4.01 4.85 18.19
CA GLY G 672 -3.26 4.22 17.12
C GLY G 672 -3.71 4.60 15.71
N SER G 673 -3.47 5.84 15.31
CA SER G 673 -3.90 6.33 14.01
C SER G 673 -2.72 6.86 13.21
N LEU G 674 -2.82 6.73 11.89
CA LEU G 674 -1.88 7.30 10.93
C LEU G 674 -2.73 7.94 9.84
N ASP G 675 -3.11 9.21 10.06
CA ASP G 675 -4.13 9.86 9.26
C ASP G 675 -3.57 11.04 8.50
N ASN G 676 -4.06 11.25 7.28
CA ASN G 676 -3.63 12.33 6.42
C ASN G 676 -4.86 13.08 5.94
N ILE G 677 -4.87 14.40 6.12
CA ILE G 677 -6.02 15.23 5.78
C ILE G 677 -5.56 16.39 4.90
N THR G 678 -6.23 16.57 3.77
CA THR G 678 -6.08 17.75 2.93
C THR G 678 -7.44 18.44 2.85
N HIS G 679 -7.57 19.57 3.52
CA HIS G 679 -8.84 20.30 3.61
C HIS G 679 -8.65 21.67 3.00
N VAL G 680 -9.26 21.90 1.85
CA VAL G 680 -9.11 23.15 1.12
C VAL G 680 -10.49 23.70 0.80
N PRO G 681 -11.18 24.32 1.76
CA PRO G 681 -12.49 24.92 1.45
C PRO G 681 -12.35 26.34 0.94
N GLY G 682 -12.87 26.61 -0.25
CA GLY G 682 -13.08 27.99 -0.65
C GLY G 682 -14.19 28.60 0.18
N GLY G 683 -13.82 29.52 1.06
CA GLY G 683 -14.72 29.87 2.15
C GLY G 683 -14.25 29.29 3.46
N GLY G 684 -15.04 28.38 4.05
CA GLY G 684 -14.68 27.82 5.33
C GLY G 684 -14.96 28.72 6.51
N ASN G 685 -15.83 29.72 6.35
CA ASN G 685 -16.16 30.61 7.45
C ASN G 685 -17.10 29.92 8.43
N LYS G 686 -16.92 30.19 9.71
CA LYS G 686 -17.73 29.57 10.76
C LYS G 686 -18.29 30.64 11.69
N LYS G 687 -19.55 30.46 12.07
CA LYS G 687 -20.19 31.29 13.09
C LYS G 687 -20.86 30.37 14.09
N ILE G 688 -20.52 30.53 15.37
CA ILE G 688 -21.08 29.73 16.44
C ILE G 688 -21.70 30.67 17.46
N GLU G 689 -22.98 30.46 17.77
CA GLU G 689 -23.70 31.30 18.72
C GLU G 689 -24.50 30.42 19.66
N THR G 690 -24.50 30.78 20.94
CA THR G 690 -25.19 30.01 21.96
C THR G 690 -25.98 30.98 22.86
N HIS G 691 -27.24 30.65 23.09
CA HIS G 691 -28.10 31.43 23.98
C HIS G 691 -28.63 30.51 25.07
N LYS G 692 -28.58 30.98 26.32
CA LYS G 692 -29.09 30.22 27.45
C LYS G 692 -29.79 31.16 28.41
N LEU G 693 -30.94 30.72 28.93
CA LEU G 693 -31.68 31.47 29.94
C LEU G 693 -32.19 30.44 30.95
N THR G 694 -31.52 30.35 32.09
CA THR G 694 -31.86 29.39 33.13
C THR G 694 -32.59 30.08 34.26
N PHE G 695 -33.74 29.52 34.65
CA PHE G 695 -34.54 30.09 35.72
C PHE G 695 -34.55 29.19 36.94
N SER H 622 -46.85 35.74 39.62
CA SER H 622 -46.91 36.27 38.26
C SER H 622 -45.51 36.38 37.67
N VAL H 623 -45.13 35.37 36.89
CA VAL H 623 -43.82 35.31 36.26
C VAL H 623 -44.02 35.34 34.75
N GLN H 624 -43.37 36.29 34.09
CA GLN H 624 -43.52 36.50 32.66
C GLN H 624 -42.16 36.49 31.98
N ILE H 625 -42.04 35.75 30.89
CA ILE H 625 -40.80 35.65 30.12
C ILE H 625 -41.08 36.01 28.67
N VAL H 626 -40.25 36.88 28.10
CA VAL H 626 -40.29 37.21 26.68
C VAL H 626 -38.95 36.83 26.07
N TYR H 627 -38.99 36.13 24.94
CA TYR H 627 -37.79 35.54 24.35
C TYR H 627 -37.86 35.79 22.84
N LYS H 628 -37.16 36.81 22.38
CA LYS H 628 -37.31 37.35 21.03
C LYS H 628 -35.94 37.49 20.34
N PRO H 629 -35.25 36.39 20.07
CA PRO H 629 -34.00 36.52 19.29
C PRO H 629 -34.31 37.00 17.89
N VAL H 630 -33.44 37.85 17.36
CA VAL H 630 -33.51 38.32 15.99
C VAL H 630 -32.14 38.13 15.36
N ASP H 631 -32.09 37.51 14.18
CA ASP H 631 -30.84 37.17 13.54
C ASP H 631 -30.98 37.43 12.05
N LEU H 632 -30.20 38.38 11.54
CA LEU H 632 -30.11 38.65 10.10
C LEU H 632 -28.68 38.46 9.60
N SER H 633 -27.95 37.53 10.21
CA SER H 633 -26.54 37.36 9.93
C SER H 633 -26.31 36.74 8.55
N LYS H 634 -25.11 36.96 8.03
CA LYS H 634 -24.69 36.43 6.74
C LYS H 634 -23.36 35.73 6.92
N VAL H 635 -23.25 34.51 6.38
CA VAL H 635 -21.99 33.78 6.31
C VAL H 635 -21.84 33.39 4.85
N THR H 636 -21.06 34.16 4.10
CA THR H 636 -20.96 33.98 2.65
C THR H 636 -19.51 33.77 2.27
N SER H 637 -19.30 33.41 1.01
CA SER H 637 -17.96 33.21 0.48
C SER H 637 -17.98 33.34 -1.03
N LYS H 638 -16.86 33.79 -1.59
CA LYS H 638 -16.69 33.89 -3.03
C LYS H 638 -15.28 33.45 -3.37
N CYS H 639 -15.15 32.57 -4.36
CA CYS H 639 -13.84 32.11 -4.80
C CYS H 639 -13.84 32.04 -6.33
N GLY H 640 -12.81 32.63 -6.94
CA GLY H 640 -12.76 32.67 -8.39
C GLY H 640 -12.57 31.30 -9.02
N SER H 641 -11.65 30.51 -8.47
CA SER H 641 -11.33 29.21 -9.05
C SER H 641 -10.57 28.37 -8.03
N LEU H 642 -11.12 27.20 -7.71
CA LEU H 642 -10.44 26.19 -6.91
C LEU H 642 -9.66 25.27 -7.85
N GLY H 643 -8.35 25.33 -7.79
CA GLY H 643 -7.47 24.77 -8.79
C GLY H 643 -6.95 23.39 -8.44
N ASN H 644 -5.79 23.06 -9.00
CA ASN H 644 -5.25 21.71 -8.90
C ASN H 644 -4.76 21.40 -7.50
N ILE H 645 -5.24 20.30 -6.95
CA ILE H 645 -4.90 19.87 -5.60
C ILE H 645 -4.48 18.40 -5.67
N HIS H 646 -3.31 18.10 -5.14
CA HIS H 646 -2.75 16.75 -5.18
C HIS H 646 -2.52 16.23 -3.76
N HIS H 647 -3.03 15.03 -3.50
CA HIS H 647 -2.87 14.36 -2.22
C HIS H 647 -2.31 12.97 -2.50
N LYS H 648 -1.06 12.73 -2.09
CA LYS H 648 -0.34 11.50 -2.41
C LYS H 648 0.28 10.90 -1.16
N PRO H 649 -0.51 10.21 -0.33
CA PRO H 649 0.06 9.54 0.84
C PRO H 649 0.94 8.37 0.44
N GLY H 650 1.85 8.01 1.34
CA GLY H 650 2.84 6.98 1.03
C GLY H 650 2.87 5.76 1.94
N GLY H 651 1.71 5.27 2.35
CA GLY H 651 1.65 4.04 3.13
C GLY H 651 1.90 4.26 4.61
N GLY H 652 2.23 3.16 5.28
CA GLY H 652 2.51 3.20 6.70
C GLY H 652 2.13 1.90 7.38
N GLN H 653 2.54 1.79 8.64
CA GLN H 653 2.30 0.64 9.49
C GLN H 653 1.55 1.08 10.75
N VAL H 654 0.50 0.34 11.11
CA VAL H 654 -0.22 0.57 12.36
C VAL H 654 -0.44 -0.77 13.03
N GLU H 655 -0.13 -0.84 14.33
CA GLU H 655 -0.30 -2.10 15.11
C GLU H 655 -0.81 -1.76 16.51
N VAL H 656 -1.97 -2.31 16.89
CA VAL H 656 -2.57 -2.08 18.19
C VAL H 656 -2.87 -3.43 18.83
N LYS H 657 -2.48 -3.59 20.09
CA LYS H 657 -2.81 -4.77 20.87
C LYS H 657 -3.59 -4.37 22.11
N SER H 658 -4.59 -5.18 22.45
CA SER H 658 -5.40 -4.95 23.64
C SER H 658 -5.99 -6.29 24.07
N GLU H 659 -6.63 -6.29 25.22
CA GLU H 659 -7.21 -7.52 25.75
C GLU H 659 -8.68 -7.38 26.10
N LYS H 660 -9.09 -6.27 26.72
CA LYS H 660 -10.46 -6.10 27.16
C LYS H 660 -10.92 -4.69 26.84
N LEU H 661 -12.06 -4.58 26.18
CA LEU H 661 -12.69 -3.29 25.88
C LEU H 661 -14.09 -3.27 26.47
N ASP H 662 -14.41 -2.20 27.19
CA ASP H 662 -15.72 -2.06 27.82
C ASP H 662 -16.14 -0.60 27.65
N PHE H 663 -17.04 -0.36 26.69
CA PHE H 663 -17.54 0.97 26.38
C PHE H 663 -18.98 1.09 26.82
N LYS H 664 -19.33 2.19 27.48
CA LYS H 664 -20.66 2.39 28.01
C LYS H 664 -21.09 3.83 27.80
N ASP H 665 -22.41 4.03 27.86
CA ASP H 665 -23.06 5.35 27.70
C ASP H 665 -22.69 5.88 26.31
N ARG H 666 -22.37 7.17 26.18
CA ARG H 666 -22.16 7.79 24.86
C ARG H 666 -20.67 7.84 24.58
N VAL H 667 -20.16 6.81 23.92
CA VAL H 667 -18.73 6.67 23.64
C VAL H 667 -18.52 6.68 22.13
N GLN H 668 -17.61 7.52 21.67
CA GLN H 668 -17.15 7.54 20.29
C GLN H 668 -15.68 7.13 20.29
N SER H 669 -15.38 6.03 19.61
CA SER H 669 -14.03 5.46 19.68
C SER H 669 -13.55 5.08 18.29
N LYS H 670 -12.23 5.04 18.14
CA LYS H 670 -11.59 4.74 16.85
C LYS H 670 -10.22 4.17 17.15
N ILE H 671 -10.01 2.89 16.80
CA ILE H 671 -8.80 2.17 17.16
C ILE H 671 -8.17 1.59 15.91
N GLY H 672 -6.89 1.89 15.69
CA GLY H 672 -6.15 1.27 14.60
C GLY H 672 -6.62 1.67 13.22
N SER H 673 -6.39 2.92 12.82
CA SER H 673 -6.84 3.41 11.53
C SER H 673 -5.68 3.98 10.72
N LEU H 674 -5.79 3.85 9.40
CA LEU H 674 -4.87 4.44 8.44
C LEU H 674 -5.74 5.09 7.38
N ASP H 675 -6.13 6.35 7.61
CA ASP H 675 -7.18 7.01 6.84
C ASP H 675 -6.63 8.20 6.08
N ASN H 676 -7.14 8.42 4.87
CA ASN H 676 -6.72 9.52 4.01
C ASN H 676 -7.97 10.27 3.56
N ILE H 677 -7.99 11.58 3.76
CA ILE H 677 -9.15 12.40 3.44
C ILE H 677 -8.71 13.57 2.57
N THR H 678 -9.40 13.77 1.45
CA THR H 678 -9.27 14.96 0.63
C THR H 678 -10.64 15.63 0.58
N HIS H 679 -10.77 16.76 1.26
CA HIS H 679 -12.05 17.46 1.38
C HIS H 679 -11.88 18.85 0.78
N VAL H 680 -12.51 19.08 -0.37
CA VAL H 680 -12.37 20.35 -1.08
C VAL H 680 -13.76 20.89 -1.37
N PRO H 681 -14.45 21.49 -0.40
CA PRO H 681 -15.77 22.07 -0.69
C PRO H 681 -15.65 23.50 -1.18
N GLY H 682 -16.19 23.78 -2.36
CA GLY H 682 -16.41 25.16 -2.74
C GLY H 682 -17.52 25.75 -1.89
N GLY H 683 -17.15 26.66 -1.00
CA GLY H 683 -18.03 26.99 0.09
C GLY H 683 -17.56 26.40 1.40
N GLY H 684 -18.32 25.48 1.98
CA GLY H 684 -17.95 24.91 3.25
C GLY H 684 -18.22 25.79 4.45
N ASN H 685 -19.10 26.77 4.31
CA ASN H 685 -19.43 27.65 5.43
C ASN H 685 -20.34 26.93 6.40
N LYS H 686 -20.17 27.19 7.70
CA LYS H 686 -20.95 26.55 8.73
C LYS H 686 -21.51 27.60 9.69
N LYS H 687 -22.76 27.41 10.08
CA LYS H 687 -23.41 28.21 11.12
C LYS H 687 -24.06 27.28 12.12
N ILE H 688 -23.70 27.41 13.38
CA ILE H 688 -24.25 26.59 14.46
C ILE H 688 -24.86 27.52 15.50
N GLU H 689 -26.13 27.29 15.83
CA GLU H 689 -26.85 28.11 16.78
C GLU H 689 -27.63 27.22 17.72
N THR H 690 -27.62 27.56 19.01
CA THR H 690 -28.30 26.78 20.03
C THR H 690 -29.07 27.71 20.95
N HIS H 691 -30.34 27.37 21.19
CA HIS H 691 -31.20 28.12 22.10
C HIS H 691 -31.71 27.19 23.18
N LYS H 692 -31.64 27.64 24.43
CA LYS H 692 -32.13 26.86 25.55
C LYS H 692 -32.83 27.78 26.54
N LEU H 693 -33.97 27.32 27.06
CA LEU H 693 -34.72 28.05 28.10
C LEU H 693 -35.20 26.99 29.10
N THR H 694 -34.52 26.90 30.23
CA THR H 694 -34.83 25.92 31.26
C THR H 694 -35.56 26.59 32.41
N PHE H 695 -36.69 26.03 32.80
CA PHE H 695 -37.50 26.57 33.88
C PHE H 695 -37.48 25.65 35.10
N SER I 622 -49.87 32.05 38.00
CA SER I 622 -49.95 32.59 36.65
C SER I 622 -48.55 32.72 36.04
N VAL I 623 -48.17 31.72 35.25
CA VAL I 623 -46.85 31.68 34.60
C VAL I 623 -47.09 31.74 33.10
N GLN I 624 -46.44 32.70 32.43
CA GLN I 624 -46.62 32.92 31.01
C GLN I 624 -45.26 32.95 30.32
N ILE I 625 -45.15 32.22 29.21
CA ILE I 625 -43.91 32.15 28.44
C ILE I 625 -44.22 32.51 26.99
N VAL I 626 -43.40 33.39 26.42
CA VAL I 626 -43.46 33.74 25.01
C VAL I 626 -42.12 33.40 24.38
N TYR I 627 -42.16 32.70 23.25
CA TYR I 627 -40.96 32.13 22.64
C TYR I 627 -41.06 32.39 21.13
N LYS I 628 -40.37 33.43 20.67
CA LYS I 628 -40.53 33.99 19.32
C LYS I 628 -39.19 34.15 18.63
N PRO I 629 -38.47 33.07 18.34
CA PRO I 629 -37.25 33.21 17.55
C PRO I 629 -37.58 33.71 16.14
N VAL I 630 -36.71 34.57 15.63
CA VAL I 630 -36.81 35.06 14.25
C VAL I 630 -35.44 34.89 13.61
N ASP I 631 -35.40 34.28 12.43
CA ASP I 631 -34.15 33.96 11.76
C ASP I 631 -34.31 34.24 10.28
N LEU I 632 -33.55 35.20 9.77
CA LEU I 632 -33.47 35.50 8.35
C LEU I 632 -32.04 35.33 7.83
N SER I 633 -31.31 34.39 8.42
CA SER I 633 -29.89 34.26 8.11
C SER I 633 -29.67 33.65 6.74
N LYS I 634 -28.49 33.89 6.20
CA LYS I 634 -28.07 33.37 4.90
C LYS I 634 -26.72 32.68 5.05
N VAL I 635 -26.62 31.48 4.50
CA VAL I 635 -25.35 30.76 4.40
C VAL I 635 -25.20 30.39 2.94
N THR I 636 -24.44 31.18 2.18
CA THR I 636 -24.36 31.02 0.74
C THR I 636 -22.90 30.82 0.34
N SER I 637 -22.70 30.49 -0.93
CA SER I 637 -21.37 30.31 -1.47
C SER I 637 -21.42 30.46 -2.98
N LYS I 638 -20.31 30.92 -3.55
CA LYS I 638 -20.15 31.04 -4.99
C LYS I 638 -18.73 30.62 -5.35
N CYS I 639 -18.61 29.75 -6.35
CA CYS I 639 -17.30 29.31 -6.82
C CYS I 639 -17.31 29.26 -8.34
N GLY I 640 -16.30 29.87 -8.96
CA GLY I 640 -16.26 29.93 -10.41
C GLY I 640 -16.06 28.58 -11.05
N SER I 641 -15.13 27.78 -10.52
CA SER I 641 -14.79 26.50 -11.13
C SER I 641 -14.03 25.65 -10.13
N LEU I 642 -14.56 24.47 -9.81
CA LEU I 642 -13.84 23.46 -9.03
C LEU I 642 -13.09 22.56 -9.99
N GLY I 643 -11.76 22.63 -9.94
CA GLY I 643 -10.90 22.10 -10.96
C GLY I 643 -10.35 20.72 -10.64
N ASN I 644 -9.19 20.41 -11.21
CA ASN I 644 -8.65 19.06 -11.13
C ASN I 644 -8.13 18.74 -9.74
N ILE I 645 -8.59 17.63 -9.20
CA ILE I 645 -8.23 17.18 -7.86
C ILE I 645 -7.81 15.73 -7.95
N HIS I 646 -6.62 15.42 -7.43
CA HIS I 646 -6.05 14.09 -7.50
C HIS I 646 -5.80 13.56 -6.10
N HIS I 647 -6.30 12.35 -5.84
CA HIS I 647 -6.11 11.66 -4.57
C HIS I 647 -5.54 10.27 -4.87
N LYS I 648 -4.28 10.05 -4.48
CA LYS I 648 -3.56 8.83 -4.82
C LYS I 648 -2.91 8.22 -3.58
N PRO I 649 -3.69 7.51 -2.76
CA PRO I 649 -3.09 6.84 -1.60
C PRO I 649 -2.21 5.67 -2.02
N GLY I 650 -1.28 5.31 -1.15
CA GLY I 650 -0.28 4.31 -1.46
C GLY I 650 -0.23 3.08 -0.58
N GLY I 651 -1.38 2.56 -0.17
CA GLY I 651 -1.42 1.32 0.59
C GLY I 651 -1.16 1.52 2.08
N GLY I 652 -0.82 0.42 2.74
CA GLY I 652 -0.52 0.45 4.16
C GLY I 652 -0.88 -0.86 4.83
N GLN I 653 -0.45 -0.98 6.08
CA GLN I 653 -0.67 -2.15 6.92
C GLN I 653 -1.41 -1.74 8.18
N VAL I 654 -2.44 -2.48 8.55
CA VAL I 654 -3.15 -2.27 9.81
C VAL I 654 -3.35 -3.63 10.48
N GLU I 655 -3.03 -3.72 11.76
CA GLU I 655 -3.19 -4.98 12.52
C GLU I 655 -3.69 -4.66 13.93
N VAL I 656 -4.81 -5.24 14.33
CA VAL I 656 -5.41 -5.03 15.64
C VAL I 656 -5.69 -6.39 16.25
N LYS I 657 -5.29 -6.56 17.51
CA LYS I 657 -5.59 -7.76 18.28
C LYS I 657 -6.37 -7.37 19.53
N SER I 658 -7.35 -8.19 19.88
CA SER I 658 -8.15 -8.00 21.07
C SER I 658 -8.72 -9.34 21.49
N GLU I 659 -9.35 -9.37 22.65
CA GLU I 659 -9.91 -10.61 23.17
C GLU I 659 -11.38 -10.49 23.54
N LYS I 660 -11.79 -9.39 24.18
CA LYS I 660 -13.16 -9.25 24.64
C LYS I 660 -13.64 -7.83 24.34
N LEU I 661 -14.80 -7.73 23.70
CA LEU I 661 -15.43 -6.44 23.41
C LEU I 661 -16.83 -6.44 24.01
N ASP I 662 -17.15 -5.38 24.75
CA ASP I 662 -18.46 -5.26 25.40
C ASP I 662 -18.90 -3.81 25.25
N PHE I 663 -19.81 -3.57 24.31
CA PHE I 663 -20.32 -2.23 24.02
C PHE I 663 -21.76 -2.15 24.48
N LYS I 664 -22.11 -1.06 25.15
CA LYS I 664 -23.44 -0.88 25.70
C LYS I 664 -23.90 0.56 25.51
N ASP I 665 -25.21 0.75 25.59
CA ASP I 665 -25.87 2.06 25.45
C ASP I 665 -25.53 2.61 24.06
N ARG I 666 -25.23 3.91 23.94
CA ARG I 666 -25.04 4.55 22.64
C ARG I 666 -23.54 4.62 22.33
N VAL I 667 -23.03 3.60 21.66
CA VAL I 667 -21.61 3.47 21.36
C VAL I 667 -21.42 3.50 19.85
N GLN I 668 -20.52 4.38 19.40
CA GLN I 668 -20.07 4.41 18.01
C GLN I 668 -18.60 4.02 17.98
N SER I 669 -18.28 2.93 17.29
CA SER I 669 -16.94 2.37 17.34
C SER I 669 -16.47 2.01 15.94
N LYS I 670 -15.14 1.98 15.77
CA LYS I 670 -14.53 1.71 14.48
C LYS I 670 -13.13 1.15 14.75
N ILE I 671 -12.92 -0.12 14.38
CA ILE I 671 -11.69 -0.84 14.72
C ILE I 671 -11.08 -1.40 13.46
N GLY I 672 -9.81 -1.07 13.22
CA GLY I 672 -9.07 -1.67 12.12
C GLY I 672 -9.55 -1.26 10.75
N SER I 673 -9.35 0.00 10.37
CA SER I 673 -9.82 0.50 9.09
C SER I 673 -8.67 1.08 8.28
N LEU I 674 -8.80 0.98 6.96
CA LEU I 674 -7.88 1.60 5.99
C LEU I 674 -8.77 2.25 4.94
N ASP I 675 -9.18 3.49 5.20
CA ASP I 675 -10.24 4.14 4.44
C ASP I 675 -9.71 5.36 3.69
N ASN I 676 -10.24 5.58 2.49
CA ASN I 676 -9.84 6.69 1.64
C ASN I 676 -11.10 7.44 1.22
N ILE I 677 -11.12 8.75 1.43
CA ILE I 677 -12.31 9.55 1.13
C ILE I 677 -11.89 10.74 0.27
N THR I 678 -12.59 10.95 -0.83
CA THR I 678 -12.48 12.15 -1.64
C THR I 678 -13.86 12.80 -1.68
N HIS I 679 -14.00 13.92 -0.98
CA HIS I 679 -15.27 14.61 -0.83
C HIS I 679 -15.13 16.02 -1.41
N VAL I 680 -15.78 16.25 -2.56
CA VAL I 680 -15.66 17.53 -3.26
C VAL I 680 -17.06 18.06 -3.52
N PRO I 681 -17.75 18.63 -2.54
CA PRO I 681 -19.07 19.20 -2.80
C PRO I 681 -18.97 20.65 -3.27
N GLY I 682 -19.53 20.93 -4.45
CA GLY I 682 -19.77 22.32 -4.80
C GLY I 682 -20.88 22.89 -3.94
N GLY I 683 -20.51 23.79 -3.05
CA GLY I 683 -21.39 24.10 -1.94
C GLY I 683 -20.89 23.48 -0.64
N GLY I 684 -21.64 22.56 -0.07
CA GLY I 684 -21.25 21.97 1.20
C GLY I 684 -21.51 22.84 2.40
N ASN I 685 -22.40 23.81 2.30
CA ASN I 685 -22.73 24.67 3.42
C ASN I 685 -23.63 23.93 4.40
N LYS I 686 -23.43 24.17 5.68
CA LYS I 686 -24.20 23.52 6.73
C LYS I 686 -24.76 24.54 7.70
N LYS I 687 -26.01 24.33 8.11
CA LYS I 687 -26.64 25.12 9.16
C LYS I 687 -27.28 24.16 10.15
N ILE I 688 -26.91 24.29 11.42
CA ILE I 688 -27.44 23.45 12.49
C ILE I 688 -28.04 24.36 13.54
N GLU I 689 -29.31 24.11 13.88
CA GLU I 689 -30.02 24.91 14.85
C GLU I 689 -30.79 24.00 15.79
N THR I 690 -30.77 24.32 17.09
CA THR I 690 -31.42 23.52 18.11
C THR I 690 -32.20 24.43 19.03
N HIS I 691 -33.46 24.08 19.29
CA HIS I 691 -34.32 24.82 20.21
C HIS I 691 -34.81 23.86 21.29
N LYS I 692 -34.73 24.29 22.56
CA LYS I 692 -35.21 23.50 23.67
C LYS I 692 -35.90 24.41 24.67
N LEU I 693 -37.03 23.92 25.20
CA LEU I 693 -37.77 24.63 26.25
C LEU I 693 -38.23 23.56 27.24
N THR I 694 -37.54 23.46 28.37
CA THR I 694 -37.83 22.47 29.39
C THR I 694 -38.55 23.12 30.55
N PHE I 695 -39.67 22.52 30.95
CA PHE I 695 -40.48 23.05 32.06
C PHE I 695 -40.43 22.12 33.26
N SER J 622 -52.80 28.36 36.40
CA SER J 622 -52.89 28.92 35.05
C SER J 622 -51.52 29.08 34.43
N VAL J 623 -51.13 28.09 33.62
CA VAL J 623 -49.83 28.07 32.96
C VAL J 623 -50.07 28.14 31.46
N GLN J 624 -49.45 29.11 30.79
CA GLN J 624 -49.65 29.35 29.37
C GLN J 624 -48.30 29.41 28.67
N ILE J 625 -48.19 28.69 27.55
CA ILE J 625 -46.96 28.64 26.77
C ILE J 625 -47.28 29.02 25.33
N VAL J 626 -46.48 29.91 24.75
CA VAL J 626 -46.56 30.28 23.34
C VAL J 626 -45.22 29.95 22.70
N TYR J 627 -45.28 29.28 21.56
CA TYR J 627 -44.07 28.72 20.92
C TYR J 627 -44.19 29.00 19.43
N LYS J 628 -43.52 30.06 18.97
CA LYS J 628 -43.71 30.63 17.64
C LYS J 628 -42.37 30.81 16.93
N PRO J 629 -41.65 29.74 16.62
CA PRO J 629 -40.43 29.91 15.81
C PRO J 629 -40.79 30.42 14.42
N VAL J 630 -39.93 31.30 13.90
CA VAL J 630 -40.05 31.80 12.54
C VAL J 630 -38.69 31.66 11.88
N ASP J 631 -38.67 31.06 10.68
CA ASP J 631 -37.41 30.76 10.01
C ASP J 631 -37.60 31.06 8.52
N LEU J 632 -36.84 32.04 8.02
CA LEU J 632 -36.79 32.35 6.59
C LEU J 632 -35.38 32.21 6.06
N SER J 633 -34.62 31.27 6.62
CA SER J 633 -33.20 31.15 6.31
C SER J 633 -32.99 30.56 4.92
N LYS J 634 -31.81 30.83 4.37
CA LYS J 634 -31.40 30.32 3.06
C LYS J 634 -30.05 29.65 3.18
N VAL J 635 -29.93 28.45 2.62
CA VAL J 635 -28.66 27.75 2.51
C VAL J 635 -28.53 27.39 1.02
N THR J 636 -27.79 28.20 0.28
CA THR J 636 -27.72 28.07 -1.16
C THR J 636 -26.26 27.89 -1.59
N SER J 637 -26.08 27.57 -2.87
CA SER J 637 -24.76 27.41 -3.43
C SER J 637 -24.82 27.59 -4.94
N LYS J 638 -23.72 28.06 -5.51
CA LYS J 638 -23.58 28.19 -6.95
C LYS J 638 -22.16 27.80 -7.34
N CYS J 639 -22.04 26.95 -8.35
CA CYS J 639 -20.73 26.52 -8.84
C CYS J 639 -20.77 26.49 -10.35
N GLY J 640 -19.77 27.12 -10.98
CA GLY J 640 -19.75 27.20 -12.43
C GLY J 640 -19.54 25.84 -13.09
N SER J 641 -18.59 25.07 -12.58
CA SER J 641 -18.26 23.79 -13.20
C SER J 641 -17.46 22.94 -12.22
N LEU J 642 -17.98 21.75 -11.91
CA LEU J 642 -17.25 20.74 -11.16
C LEU J 642 -16.48 19.85 -12.13
N GLY J 643 -15.17 19.94 -12.10
CA GLY J 643 -14.30 19.42 -13.14
C GLY J 643 -13.75 18.05 -12.83
N ASN J 644 -12.59 17.76 -13.43
CA ASN J 644 -12.03 16.42 -13.38
C ASN J 644 -11.49 16.09 -12.00
N ILE J 645 -11.94 14.96 -11.45
CA ILE J 645 -11.56 14.50 -10.13
C ILE J 645 -11.11 13.05 -10.24
N HIS J 646 -9.92 12.76 -9.75
CA HIS J 646 -9.33 11.43 -9.84
C HIS J 646 -9.06 10.88 -8.44
N HIS J 647 -9.54 9.66 -8.20
CA HIS J 647 -9.34 8.96 -6.93
C HIS J 647 -8.76 7.58 -7.26
N LYS J 648 -7.50 7.37 -6.88
CA LYS J 648 -6.76 6.16 -7.24
C LYS J 648 -6.09 5.55 -6.02
N PRO J 649 -6.85 4.82 -5.21
CA PRO J 649 -6.23 4.13 -4.06
C PRO J 649 -5.35 2.98 -4.50
N GLY J 650 -4.40 2.62 -3.64
CA GLY J 650 -3.40 1.64 -3.99
C GLY J 650 -3.32 0.40 -3.12
N GLY J 651 -4.47 -0.14 -2.70
CA GLY J 651 -4.48 -1.38 -1.95
C GLY J 651 -4.22 -1.21 -0.46
N GLY J 652 -3.84 -2.31 0.16
CA GLY J 652 -3.52 -2.30 1.59
C GLY J 652 -3.86 -3.63 2.24
N GLN J 653 -3.42 -3.75 3.49
CA GLN J 653 -3.62 -4.94 4.32
C GLN J 653 -4.35 -4.54 5.59
N VAL J 654 -5.37 -5.31 5.97
CA VAL J 654 -6.06 -5.13 7.23
C VAL J 654 -6.25 -6.49 7.88
N GLU J 655 -5.91 -6.60 9.16
CA GLU J 655 -6.04 -7.87 9.90
C GLU J 655 -6.52 -7.59 11.33
N VAL J 656 -7.65 -8.15 11.73
CA VAL J 656 -8.24 -7.97 13.05
C VAL J 656 -8.50 -9.34 13.66
N LYS J 657 -8.06 -9.53 14.90
CA LYS J 657 -8.36 -10.73 15.67
C LYS J 657 -9.11 -10.37 16.93
N SER J 658 -10.09 -11.21 17.28
CA SER J 658 -10.88 -11.04 18.48
C SER J 658 -11.43 -12.39 18.89
N GLU J 659 -12.04 -12.44 20.05
CA GLU J 659 -12.59 -13.69 20.57
C GLU J 659 -14.05 -13.59 20.96
N LYS J 660 -14.47 -12.51 21.61
CA LYS J 660 -15.84 -12.37 22.08
C LYS J 660 -16.33 -10.96 21.81
N LEU J 661 -17.49 -10.86 21.18
CA LEU J 661 -18.14 -9.58 20.92
C LEU J 661 -19.53 -9.61 21.54
N ASP J 662 -19.87 -8.56 22.30
CA ASP J 662 -21.16 -8.46 22.96
C ASP J 662 -21.62 -7.01 22.83
N PHE J 663 -22.54 -6.77 21.90
CA PHE J 663 -23.07 -5.44 21.63
C PHE J 663 -24.51 -5.38 22.12
N LYS J 664 -24.86 -4.29 22.81
CA LYS J 664 -26.19 -4.13 23.38
C LYS J 664 -26.66 -2.69 23.20
N ASP J 665 -27.97 -2.52 23.30
CA ASP J 665 -28.65 -1.22 23.19
C ASP J 665 -28.33 -0.65 21.81
N ARG J 666 -28.03 0.65 21.69
CA ARG J 666 -27.87 1.32 20.40
C ARG J 666 -26.39 1.41 20.07
N VAL J 667 -25.86 0.40 19.38
CA VAL J 667 -24.45 0.30 19.07
C VAL J 667 -24.28 0.35 17.56
N GLN J 668 -23.39 1.23 17.10
CA GLN J 668 -22.96 1.28 15.71
C GLN J 668 -21.49 0.91 15.66
N SER J 669 -21.16 -0.16 14.95
CA SER J 669 -19.82 -0.72 14.98
C SER J 669 -19.35 -1.04 13.56
N LYS J 670 -18.04 -1.06 13.38
CA LYS J 670 -17.43 -1.31 12.09
C LYS J 670 -16.03 -1.86 12.32
N ILE J 671 -15.81 -3.12 11.95
CA ILE J 671 -14.57 -3.83 12.27
C ILE J 671 -13.96 -4.36 10.98
N GLY J 672 -12.69 -4.03 10.74
CA GLY J 672 -11.96 -4.60 9.63
C GLY J 672 -12.47 -4.18 8.26
N SER J 673 -12.28 -2.92 7.89
CA SER J 673 -12.77 -2.40 6.63
C SER J 673 -11.64 -1.79 5.81
N LEU J 674 -11.78 -1.89 4.49
CA LEU J 674 -10.88 -1.26 3.52
C LEU J 674 -11.80 -0.59 2.49
N ASP J 675 -12.21 0.64 2.77
CA ASP J 675 -13.29 1.29 2.02
C ASP J 675 -12.77 2.52 1.29
N ASN J 676 -13.31 2.75 0.10
CA ASN J 676 -12.94 3.88 -0.74
C ASN J 676 -14.21 4.62 -1.14
N ILE J 677 -14.26 5.93 -0.92
CA ILE J 677 -15.45 6.72 -1.18
C ILE J 677 -15.05 7.93 -2.04
N THR J 678 -15.77 8.13 -3.14
CA THR J 678 -15.68 9.35 -3.93
C THR J 678 -17.06 9.99 -3.94
N HIS J 679 -17.21 11.10 -3.22
CA HIS J 679 -18.49 11.78 -3.05
C HIS J 679 -18.37 13.18 -3.62
N VAL J 680 -19.02 13.43 -4.76
CA VAL J 680 -18.93 14.71 -5.44
C VAL J 680 -20.35 15.23 -5.69
N PRO J 681 -21.02 15.79 -4.68
CA PRO J 681 -22.35 16.35 -4.93
C PRO J 681 -22.27 17.80 -5.38
N GLY J 682 -22.85 18.09 -6.54
CA GLY J 682 -23.11 19.48 -6.87
C GLY J 682 -24.21 20.02 -6.00
N GLY J 683 -23.84 20.92 -5.10
CA GLY J 683 -24.71 21.21 -3.96
C GLY J 683 -24.18 20.59 -2.68
N GLY J 684 -24.92 19.64 -2.11
CA GLY J 684 -24.51 19.05 -0.87
C GLY J 684 -24.76 19.89 0.35
N ASN J 685 -25.67 20.87 0.27
CA ASN J 685 -25.99 21.70 1.41
C ASN J 685 -26.88 20.94 2.38
N LYS J 686 -26.66 21.17 3.68
CA LYS J 686 -27.43 20.49 4.72
C LYS J 686 -27.98 21.50 5.71
N LYS J 687 -29.22 21.28 6.13
CA LYS J 687 -29.85 22.04 7.20
C LYS J 687 -30.46 21.06 8.19
N ILE J 688 -30.08 21.18 9.45
CA ILE J 688 -30.58 20.32 10.51
C ILE J 688 -31.19 21.20 11.59
N GLU J 689 -32.44 20.95 11.93
CA GLU J 689 -33.17 21.72 12.93
C GLU J 689 -33.91 20.79 13.87
N THR J 690 -33.87 21.10 15.16
CA THR J 690 -34.51 20.27 16.18
C THR J 690 -35.28 21.17 17.13
N HIS J 691 -36.53 20.80 17.39
CA HIS J 691 -37.39 21.51 18.34
C HIS J 691 -37.85 20.54 19.41
N LYS J 692 -37.77 20.95 20.67
CA LYS J 692 -38.22 20.14 21.79
C LYS J 692 -38.91 21.03 22.81
N LEU J 693 -40.03 20.53 23.35
CA LEU J 693 -40.76 21.21 24.41
C LEU J 693 -41.20 20.13 25.39
N THR J 694 -40.50 20.03 26.52
CA THR J 694 -40.77 19.01 27.52
C THR J 694 -41.48 19.64 28.70
N PHE J 695 -42.60 19.03 29.11
CA PHE J 695 -43.39 19.54 30.22
C PHE J 695 -43.32 18.59 31.41
N SER K 622 -55.75 24.65 34.73
CA SER K 622 -55.86 25.22 33.39
C SER K 622 -54.49 25.39 32.76
N VAL K 623 -54.09 24.43 31.93
CA VAL K 623 -52.81 24.43 31.26
C VAL K 623 -53.07 24.51 29.76
N GLN K 624 -52.46 25.51 29.11
CA GLN K 624 -52.67 25.76 27.69
C GLN K 624 -51.34 25.84 26.97
N ILE K 625 -51.23 25.14 25.84
CA ILE K 625 -50.00 25.11 25.04
C ILE K 625 -50.35 25.50 23.61
N VAL K 626 -49.56 26.41 23.05
CA VAL K 626 -49.66 26.80 21.64
C VAL K 626 -48.34 26.49 20.98
N TYR K 627 -48.39 25.82 19.83
CA TYR K 627 -47.19 25.29 19.17
C TYR K 627 -47.32 25.60 17.68
N LYS K 628 -46.67 26.66 17.23
CA LYS K 628 -46.88 27.24 15.91
C LYS K 628 -45.55 27.45 15.18
N PRO K 629 -44.83 26.39 14.85
CA PRO K 629 -43.62 26.58 14.03
C PRO K 629 -43.98 27.11 12.65
N VAL K 630 -43.15 28.00 12.14
CA VAL K 630 -43.29 28.52 10.78
C VAL K 630 -41.93 28.39 10.10
N ASP K 631 -41.91 27.82 8.90
CA ASP K 631 -40.66 27.55 8.21
C ASP K 631 -40.87 27.86 6.74
N LEU K 632 -40.13 28.84 6.23
CA LEU K 632 -40.10 29.17 4.82
C LEU K 632 -38.68 29.05 4.26
N SER K 633 -37.91 28.12 4.80
CA SER K 633 -36.50 28.02 4.48
C SER K 633 -36.30 27.44 3.07
N LYS K 634 -35.13 27.73 2.52
CA LYS K 634 -34.73 27.25 1.20
C LYS K 634 -33.37 26.58 1.30
N VAL K 635 -33.25 25.40 0.73
CA VAL K 635 -31.97 24.71 0.57
C VAL K 635 -31.85 24.38 -0.91
N THR K 636 -31.13 25.20 -1.65
CA THR K 636 -31.07 25.09 -3.10
C THR K 636 -29.62 24.92 -3.54
N SER K 637 -29.45 24.62 -4.81
CA SER K 637 -28.12 24.48 -5.40
C SER K 637 -28.21 24.68 -6.90
N LYS K 638 -27.11 25.17 -7.48
CA LYS K 638 -26.99 25.33 -8.92
C LYS K 638 -25.58 24.95 -9.33
N CYS K 639 -25.45 24.11 -10.35
CA CYS K 639 -24.15 23.71 -10.85
C CYS K 639 -24.20 23.70 -12.37
N GLY K 640 -23.21 24.34 -13.00
CA GLY K 640 -23.21 24.43 -14.44
C GLY K 640 -23.00 23.10 -15.13
N SER K 641 -22.03 22.32 -14.64
CA SER K 641 -21.69 21.05 -15.29
C SER K 641 -20.89 20.20 -14.33
N LEU K 642 -21.38 19.00 -14.03
CA LEU K 642 -20.63 17.99 -13.29
C LEU K 642 -19.87 17.12 -14.28
N GLY K 643 -18.55 17.23 -14.27
CA GLY K 643 -17.69 16.73 -15.32
C GLY K 643 -17.12 15.36 -15.04
N ASN K 644 -15.96 15.09 -15.64
CA ASN K 644 -15.39 13.75 -15.62
C ASN K 644 -14.84 13.41 -14.25
N ILE K 645 -15.26 12.27 -13.72
CA ILE K 645 -14.86 11.80 -12.40
C ILE K 645 -14.41 10.36 -12.54
N HIS K 646 -13.20 10.07 -12.06
CA HIS K 646 -12.60 8.75 -12.18
C HIS K 646 -12.32 8.19 -10.79
N HIS K 647 -12.78 6.96 -10.55
CA HIS K 647 -12.55 6.24 -9.30
C HIS K 647 -11.96 4.88 -9.65
N LYS K 648 -10.69 4.67 -9.29
CA LYS K 648 -9.95 3.47 -9.68
C LYS K 648 -9.27 2.85 -8.47
N PRO K 649 -10.00 2.11 -7.65
CA PRO K 649 -9.37 1.42 -6.52
C PRO K 649 -8.48 0.28 -6.99
N GLY K 650 -7.52 -0.08 -6.14
CA GLY K 650 -6.51 -1.05 -6.51
C GLY K 650 -6.41 -2.30 -5.65
N GLY K 651 -7.54 -2.86 -5.23
CA GLY K 651 -7.54 -4.12 -4.50
C GLY K 651 -7.25 -3.95 -3.01
N GLY K 652 -6.86 -5.05 -2.40
CA GLY K 652 -6.54 -5.06 -0.98
C GLY K 652 -6.85 -6.39 -0.34
N GLN K 653 -6.39 -6.53 0.90
CA GLN K 653 -6.57 -7.73 1.72
C GLN K 653 -7.29 -7.36 3.00
N VAL K 654 -8.30 -8.14 3.38
CA VAL K 654 -8.98 -7.98 4.66
C VAL K 654 -9.14 -9.35 5.29
N GLU K 655 -8.77 -9.46 6.56
CA GLU K 655 -8.88 -10.75 7.30
C GLU K 655 -9.36 -10.48 8.73
N VAL K 656 -10.48 -11.08 9.13
CA VAL K 656 -11.06 -10.91 10.46
C VAL K 656 -11.29 -12.30 11.05
N LYS K 657 -10.85 -12.49 12.29
CA LYS K 657 -11.12 -13.71 13.04
C LYS K 657 -11.87 -13.38 14.31
N SER K 658 -12.83 -14.24 14.66
CA SER K 658 -13.60 -14.08 15.88
C SER K 658 -14.14 -15.45 16.28
N GLU K 659 -14.74 -15.51 17.45
CA GLU K 659 -15.26 -16.77 17.95
C GLU K 659 -16.73 -16.70 18.36
N LYS K 660 -17.15 -15.63 19.03
CA LYS K 660 -18.51 -15.51 19.52
C LYS K 660 -19.03 -14.11 19.27
N LEU K 661 -20.20 -14.01 18.66
CA LEU K 661 -20.87 -12.73 18.42
C LEU K 661 -22.24 -12.78 19.05
N ASP K 662 -22.58 -11.74 19.82
CA ASP K 662 -23.87 -11.66 20.50
C ASP K 662 -24.34 -10.22 20.39
N PHE K 663 -25.28 -9.97 19.48
CA PHE K 663 -25.82 -8.65 19.24
C PHE K 663 -27.26 -8.61 19.73
N LYS K 664 -27.61 -7.53 20.44
CA LYS K 664 -28.94 -7.40 21.02
C LYS K 664 -29.43 -5.96 20.88
N ASP K 665 -30.74 -5.81 20.99
CA ASP K 665 -31.43 -4.51 20.90
C ASP K 665 -31.13 -3.91 19.52
N ARG K 666 -30.85 -2.61 19.42
CA ARG K 666 -30.71 -1.94 18.14
C ARG K 666 -29.23 -1.81 17.80
N VAL K 667 -28.71 -2.81 17.09
CA VAL K 667 -27.29 -2.89 16.76
C VAL K 667 -27.14 -2.83 15.24
N GLN K 668 -26.26 -1.93 14.79
CA GLN K 668 -25.85 -1.85 13.39
C GLN K 668 -24.37 -2.22 13.32
N SER K 669 -24.05 -3.27 12.59
CA SER K 669 -22.69 -3.81 12.59
C SER K 669 -22.24 -4.12 11.18
N LYS K 670 -20.93 -4.11 10.98
CA LYS K 670 -20.32 -4.35 9.68
C LYS K 670 -18.92 -4.89 9.89
N ILE K 671 -18.68 -6.14 9.49
CA ILE K 671 -17.45 -6.83 9.80
C ILE K 671 -16.84 -7.35 8.50
N GLY K 672 -15.59 -7.00 8.24
CA GLY K 672 -14.86 -7.54 7.11
C GLY K 672 -15.38 -7.12 5.75
N SER K 673 -15.21 -5.84 5.41
CA SER K 673 -15.72 -5.32 4.16
C SER K 673 -14.60 -4.70 3.33
N LEU K 674 -14.75 -4.77 2.01
CA LEU K 674 -13.88 -4.11 1.04
C LEU K 674 -14.81 -3.45 0.03
N ASP K 675 -15.23 -2.23 0.32
CA ASP K 675 -16.32 -1.58 -0.40
C ASP K 675 -15.83 -0.33 -1.12
N ASN K 676 -16.40 -0.09 -2.31
CA ASN K 676 -16.03 1.05 -3.13
C ASN K 676 -17.32 1.77 -3.51
N ILE K 677 -17.38 3.08 -3.26
CA ILE K 677 -18.57 3.88 -3.52
C ILE K 677 -18.20 5.09 -4.35
N THR K 678 -18.93 5.30 -5.44
CA THR K 678 -18.87 6.53 -6.22
C THR K 678 -20.26 7.16 -6.20
N HIS K 679 -20.40 8.25 -5.47
CA HIS K 679 -21.69 8.91 -5.29
C HIS K 679 -21.59 10.33 -5.84
N VAL K 680 -22.26 10.58 -6.96
CA VAL K 680 -22.19 11.88 -7.62
C VAL K 680 -23.61 12.38 -7.86
N PRO K 681 -24.28 12.92 -6.83
CA PRO K 681 -25.62 13.47 -7.06
C PRO K 681 -25.56 14.92 -7.50
N GLY K 682 -26.16 15.23 -8.65
CA GLY K 682 -26.43 16.62 -8.97
C GLY K 682 -27.53 17.14 -8.07
N GLY K 683 -27.16 18.03 -7.15
CA GLY K 683 -28.02 18.29 -6.02
C GLY K 683 -27.48 17.66 -4.75
N GLY K 684 -28.20 16.70 -4.19
CA GLY K 684 -27.77 16.09 -2.94
C GLY K 684 -28.02 16.92 -1.71
N ASN K 685 -28.93 17.89 -1.78
CA ASN K 685 -29.24 18.71 -0.62
C ASN K 685 -30.11 17.92 0.35
N LYS K 686 -29.89 18.14 1.64
CA LYS K 686 -30.63 17.44 2.69
C LYS K 686 -31.18 18.42 3.71
N LYS K 687 -32.42 18.19 4.13
CA LYS K 687 -33.04 18.93 5.22
C LYS K 687 -33.64 17.93 6.20
N ILE K 688 -33.24 18.04 7.47
CA ILE K 688 -33.72 17.16 8.52
C ILE K 688 -34.33 18.03 9.61
N GLU K 689 -35.58 17.75 9.96
CA GLU K 689 -36.29 18.51 10.98
C GLU K 689 -37.01 17.56 11.91
N THR K 690 -36.97 17.85 13.20
CA THR K 690 -37.58 17.00 14.22
C THR K 690 -38.36 17.88 15.19
N HIS K 691 -39.60 17.50 15.47
CA HIS K 691 -40.46 18.19 16.43
C HIS K 691 -40.91 17.19 17.50
N LYS K 692 -40.80 17.60 18.76
CA LYS K 692 -41.24 16.76 19.87
C LYS K 692 -41.93 17.62 20.91
N LEU K 693 -43.03 17.12 21.45
CA LEU K 693 -43.76 17.77 22.53
C LEU K 693 -44.18 16.67 23.51
N THR K 694 -43.46 16.56 24.62
CA THR K 694 -43.71 15.54 25.61
C THR K 694 -44.42 16.14 26.81
N PHE K 695 -45.52 15.52 27.22
CA PHE K 695 -46.30 16.00 28.36
C PHE K 695 -46.22 15.04 29.53
N SER L 622 -58.64 20.93 33.10
CA SER L 622 -58.78 21.51 31.76
C SER L 622 -57.42 21.71 31.11
N VAL L 623 -57.03 20.76 30.28
CA VAL L 623 -55.74 20.78 29.59
C VAL L 623 -56.02 20.89 28.09
N GLN L 624 -55.44 21.89 27.44
CA GLN L 624 -55.67 22.16 26.03
C GLN L 624 -54.34 22.26 25.30
N ILE L 625 -54.24 21.57 24.16
CA ILE L 625 -53.02 21.57 23.35
C ILE L 625 -53.39 21.97 21.92
N VAL L 626 -52.62 22.90 21.37
CA VAL L 626 -52.74 23.30 19.97
C VAL L 626 -51.42 23.02 19.28
N TYR L 627 -51.47 22.37 18.12
CA TYR L 627 -50.28 21.85 17.45
C TYR L 627 -50.44 22.17 15.96
N LYS L 628 -49.79 23.26 15.52
CA LYS L 628 -50.02 23.85 14.20
C LYS L 628 -48.71 24.09 13.47
N PRO L 629 -47.97 23.03 13.11
CA PRO L 629 -46.78 23.25 12.28
C PRO L 629 -47.17 23.78 10.91
N VAL L 630 -46.35 24.70 10.41
CA VAL L 630 -46.51 25.23 9.05
C VAL L 630 -45.16 25.13 8.36
N ASP L 631 -45.14 24.56 7.16
CA ASP L 631 -43.90 24.31 6.44
C ASP L 631 -44.12 24.64 4.98
N LEU L 632 -43.40 25.64 4.48
CA LEU L 632 -43.40 25.99 3.06
C LEU L 632 -41.99 25.89 2.49
N SER L 633 -41.19 24.96 3.01
CA SER L 633 -39.79 24.87 2.67
C SER L 633 -39.59 24.32 1.25
N LYS L 634 -38.43 24.62 0.69
CA LYS L 634 -38.05 24.17 -0.64
C LYS L 634 -36.68 23.51 -0.56
N VAL L 635 -36.55 22.33 -1.16
CA VAL L 635 -35.27 21.66 -1.33
C VAL L 635 -35.16 21.35 -2.81
N THR L 636 -34.45 22.19 -3.56
CA THR L 636 -34.41 22.09 -5.00
C THR L 636 -32.97 21.96 -5.47
N SER L 637 -32.80 21.67 -6.75
CA SER L 637 -31.48 21.55 -7.34
C SER L 637 -31.58 21.76 -8.84
N LYS L 638 -30.51 22.28 -9.43
CA LYS L 638 -30.40 22.45 -10.87
C LYS L 638 -28.99 22.10 -11.30
N CYS L 639 -28.87 21.27 -12.33
CA CYS L 639 -27.58 20.88 -12.86
C CYS L 639 -27.63 20.90 -14.37
N GLY L 640 -26.66 21.56 -15.00
CA GLY L 640 -26.68 21.67 -16.45
C GLY L 640 -26.46 20.35 -17.15
N SER L 641 -25.48 19.57 -16.69
CA SER L 641 -25.13 18.31 -17.35
C SER L 641 -24.30 17.46 -16.41
N LEU L 642 -24.79 16.25 -16.12
CA LEU L 642 -24.02 15.24 -15.40
C LEU L 642 -23.26 14.39 -16.42
N GLY L 643 -21.94 14.51 -16.41
CA GLY L 643 -21.10 14.03 -17.48
C GLY L 643 -20.51 12.66 -17.22
N ASN L 644 -19.35 12.42 -17.85
CA ASN L 644 -18.76 11.09 -17.85
C ASN L 644 -18.18 10.74 -16.49
N ILE L 645 -18.60 9.58 -15.96
CA ILE L 645 -18.18 9.09 -14.66
C ILE L 645 -17.71 7.66 -14.83
N HIS L 646 -16.49 7.38 -14.35
CA HIS L 646 -15.89 6.06 -14.49
C HIS L 646 -15.58 5.48 -13.12
N HIS L 647 -16.03 4.26 -12.89
CA HIS L 647 -15.78 3.52 -11.65
C HIS L 647 -15.17 2.17 -12.03
N LYS L 648 -13.90 1.98 -11.68
CA LYS L 648 -13.15 0.79 -12.10
C LYS L 648 -12.44 0.16 -10.90
N PRO L 649 -13.16 -0.60 -10.09
CA PRO L 649 -12.51 -1.30 -8.97
C PRO L 649 -11.61 -2.42 -9.46
N GLY L 650 -10.64 -2.78 -8.63
CA GLY L 650 -9.62 -3.74 -9.04
C GLY L 650 -9.51 -5.01 -8.19
N GLY L 651 -10.62 -5.57 -7.76
CA GLY L 651 -10.60 -6.84 -7.04
C GLY L 651 -10.29 -6.69 -5.56
N GLY L 652 -9.89 -7.79 -4.96
CA GLY L 652 -9.55 -7.82 -3.55
C GLY L 652 -9.84 -9.17 -2.92
N GLN L 653 -9.36 -9.31 -1.68
CA GLN L 653 -9.53 -10.52 -0.88
C GLN L 653 -10.23 -10.17 0.41
N VAL L 654 -11.23 -10.97 0.79
CA VAL L 654 -11.90 -10.83 2.08
C VAL L 654 -12.04 -12.21 2.70
N GLU L 655 -11.64 -12.34 3.97
CA GLU L 655 -11.74 -13.63 4.68
C GLU L 655 -12.22 -13.37 6.11
N VAL L 656 -13.32 -14.00 6.53
CA VAL L 656 -13.88 -13.86 7.87
C VAL L 656 -14.10 -15.26 8.44
N LYS L 657 -13.63 -15.46 9.68
CA LYS L 657 -13.88 -16.69 10.41
C LYS L 657 -14.62 -16.39 11.71
N SER L 658 -15.57 -17.25 12.05
CA SER L 658 -16.33 -17.12 13.27
C SER L 658 -16.85 -18.50 13.66
N GLU L 659 -17.43 -18.58 14.83
CA GLU L 659 -17.94 -19.86 15.33
C GLU L 659 -19.40 -19.80 15.75
N LYS L 660 -19.82 -18.75 16.43
CA LYS L 660 -21.18 -18.65 16.95
C LYS L 660 -21.70 -17.25 16.73
N LEU L 661 -22.89 -17.15 16.13
CA LEU L 661 -23.56 -15.88 15.91
C LEU L 661 -24.94 -15.95 16.56
N ASP L 662 -25.28 -14.93 17.35
CA ASP L 662 -26.56 -14.87 18.05
C ASP L 662 -27.06 -13.43 17.95
N PHE L 663 -28.00 -13.18 17.06
CA PHE L 663 -28.55 -11.86 16.84
C PHE L 663 -29.99 -11.83 17.35
N LYS L 664 -30.35 -10.78 18.08
CA LYS L 664 -31.67 -10.66 18.68
C LYS L 664 -32.17 -9.23 18.56
N ASP L 665 -33.49 -9.09 18.68
CA ASP L 665 -34.19 -7.80 18.62
C ASP L 665 -33.91 -7.18 17.24
N ARG L 666 -33.65 -5.88 17.16
CA ARG L 666 -33.53 -5.19 15.88
C ARG L 666 -32.05 -5.05 15.53
N VAL L 667 -31.53 -6.03 14.79
CA VAL L 667 -30.12 -6.09 14.44
C VAL L 667 -29.98 -6.01 12.94
N GLN L 668 -29.13 -5.10 12.48
CA GLN L 668 -28.73 -4.99 11.08
C GLN L 668 -27.25 -5.34 10.99
N SER L 669 -26.92 -6.38 10.25
CA SER L 669 -25.56 -6.91 10.23
C SER L 669 -25.12 -7.19 8.80
N LYS L 670 -23.81 -7.17 8.58
CA LYS L 670 -23.21 -7.38 7.28
C LYS L 670 -21.81 -7.91 7.47
N ILE L 671 -21.56 -9.15 7.06
CA ILE L 671 -20.31 -9.84 7.33
C ILE L 671 -19.72 -10.34 6.02
N GLY L 672 -18.46 -9.97 5.76
CA GLY L 672 -17.75 -10.49 4.60
C GLY L 672 -18.29 -10.05 3.26
N SER L 673 -18.14 -8.78 2.93
CA SER L 673 -18.67 -8.24 1.69
C SER L 673 -17.56 -7.59 0.86
N LEU L 674 -17.74 -7.65 -0.46
CA LEU L 674 -16.87 -6.97 -1.43
C LEU L 674 -17.83 -6.30 -2.43
N ASP L 675 -18.26 -5.09 -2.10
CA ASP L 675 -19.36 -4.45 -2.81
C ASP L 675 -18.89 -3.18 -3.53
N ASN L 676 -19.48 -2.94 -4.70
CA ASN L 676 -19.13 -1.77 -5.52
C ASN L 676 -20.43 -1.06 -5.88
N ILE L 677 -20.50 0.24 -5.61
CA ILE L 677 -21.71 1.02 -5.84
C ILE L 677 -21.36 2.25 -6.66
N THR L 678 -22.10 2.47 -7.74
CA THR L 678 -22.05 3.71 -8.50
C THR L 678 -23.46 4.33 -8.47
N HIS L 679 -23.61 5.40 -7.72
CA HIS L 679 -24.89 6.05 -7.50
C HIS L 679 -24.81 7.48 -8.04
N VAL L 680 -25.50 7.73 -9.15
CA VAL L 680 -25.44 9.04 -9.80
C VAL L 680 -26.88 9.54 -10.01
N PRO L 681 -27.54 10.05 -8.97
CA PRO L 681 -28.89 10.59 -9.17
C PRO L 681 -28.85 12.05 -9.60
N GLY L 682 -29.46 12.36 -10.73
CA GLY L 682 -29.76 13.75 -11.03
C GLY L 682 -30.85 14.25 -10.11
N GLY L 683 -30.48 15.13 -9.20
CA GLY L 683 -31.32 15.36 -8.04
C GLY L 683 -30.75 14.72 -6.80
N GLY L 684 -31.46 13.75 -6.23
CA GLY L 684 -31.01 13.13 -5.00
C GLY L 684 -31.26 13.95 -3.76
N ASN L 685 -32.18 14.90 -3.79
CA ASN L 685 -32.49 15.71 -2.63
C ASN L 685 -33.34 14.89 -1.65
N LYS L 686 -33.11 15.10 -0.36
CA LYS L 686 -33.83 14.38 0.68
C LYS L 686 -34.37 15.35 1.71
N LYS L 687 -35.61 15.09 2.15
CA LYS L 687 -36.22 15.81 3.25
C LYS L 687 -36.79 14.80 4.23
N ILE L 688 -36.39 14.89 5.49
CA ILE L 688 -36.85 14.00 6.54
C ILE L 688 -37.46 14.85 7.64
N GLU L 689 -38.69 14.55 8.01
CA GLU L 689 -39.41 15.28 9.04
C GLU L 689 -40.11 14.31 9.98
N THR L 690 -40.04 14.59 11.27
CA THR L 690 -40.64 13.73 12.28
C THR L 690 -41.42 14.58 13.28
N HIS L 691 -42.66 14.18 13.56
CA HIS L 691 -43.51 14.85 14.54
C HIS L 691 -43.92 13.85 15.59
N LYS L 692 -43.82 14.24 16.86
CA LYS L 692 -44.23 13.38 17.97
C LYS L 692 -44.92 14.23 19.03
N LEU L 693 -46.01 13.69 19.57
CA LEU L 693 -46.74 14.33 20.67
C LEU L 693 -47.13 13.21 21.64
N THR L 694 -46.40 13.10 22.74
CA THR L 694 -46.62 12.05 23.73
C THR L 694 -47.33 12.64 24.94
N PHE L 695 -48.42 11.99 25.35
CA PHE L 695 -49.19 12.45 26.49
C PHE L 695 -49.08 11.48 27.66
#